data_1KC6
#
_entry.id   1KC6
#
_cell.length_a   67.120
_cell.length_b   177.670
_cell.length_c   256.360
_cell.angle_alpha   90.00
_cell.angle_beta   90.00
_cell.angle_gamma   90.00
#
_symmetry.space_group_name_H-M   'I 21 21 21'
#
loop_
_entity.id
_entity.type
_entity.pdbx_description
1 polymer "5'-D(P*CP*CP*GP*GP*TP*CP*GP*AP*CP*CP*GP*G)-3'"
2 polymer 'TYPE II RESTRICTION ENZYME HINCII'
3 non-polymer 'SODIUM ION'
4 water water
#
loop_
_entity_poly.entity_id
_entity_poly.type
_entity_poly.pdbx_seq_one_letter_code
_entity_poly.pdbx_strand_id
1 'polydeoxyribonucleotide' (DC)(DC)(DG)(DG)(DT)(DC)(DG)(DA)(DC)(DC)(DG)(DG) E,F,G,H
2 'polypeptide(L)'
;SFIKPIYQDINSILIGQKVKRPKSGTLSGHAAGEPFEKLVYKFLKENLSDLTFKQYEYLNDLFMKNPAIIGHEARYKLFN
SPTLLFLLSRGKAATENWSIENLFEEKQNDTADILLVKDQFYELLDVKTRNISKSAQAPNIISAYKLAQTCAKMIDNKEF
DLFDINYLEVDWELNGEDLVCVSTSFAELFKSEPSELYINWAAAMQIQFHVRDLDQGFNGTREEWAKSYLKHFVTQAEQR
AISMIDKFVKPFKKYIL
;
A,B,C,D
#
# COMPACT_ATOMS: atom_id res chain seq x y z
N SER E 1 11.87 -29.95 -15.54
CA SER E 1 10.69 -30.50 -14.80
C SER E 1 10.10 -31.75 -15.46
N PHE E 2 9.57 -32.66 -14.66
CA PHE E 2 8.93 -33.87 -15.20
C PHE E 2 7.44 -33.58 -15.34
N ILE E 3 7.01 -32.40 -14.90
CA ILE E 3 5.61 -32.00 -14.97
C ILE E 3 5.37 -31.08 -16.19
N LYS E 4 6.28 -30.13 -16.39
CA LYS E 4 6.21 -29.17 -17.50
C LYS E 4 5.74 -29.80 -18.79
N PRO E 5 6.39 -30.90 -19.23
CA PRO E 5 5.98 -31.54 -20.47
C PRO E 5 4.52 -32.05 -20.52
N ILE E 6 3.89 -32.19 -19.37
CA ILE E 6 2.49 -32.64 -19.34
C ILE E 6 1.60 -31.65 -18.59
N TYR E 7 2.06 -30.40 -18.52
CA TYR E 7 1.32 -29.36 -17.86
C TYR E 7 -0.07 -29.16 -18.49
N GLN E 8 -0.16 -29.37 -19.80
CA GLN E 8 -1.42 -29.24 -20.50
C GLN E 8 -2.38 -30.36 -20.07
N ASP E 9 -1.87 -31.56 -19.83
CA ASP E 9 -2.78 -32.63 -19.42
C ASP E 9 -3.34 -32.38 -18.03
N ILE E 10 -2.50 -31.86 -17.15
CA ILE E 10 -2.90 -31.59 -15.76
C ILE E 10 -3.98 -30.51 -15.74
N ASN E 11 -3.76 -29.47 -16.52
CA ASN E 11 -4.69 -28.35 -16.58
C ASN E 11 -6.02 -28.83 -17.12
N SER E 12 -5.96 -29.67 -18.15
CA SER E 12 -7.17 -30.23 -18.76
C SER E 12 -8.07 -30.97 -17.79
N ILE E 13 -7.49 -31.85 -16.99
CA ILE E 13 -8.26 -32.66 -16.06
C ILE E 13 -8.75 -31.90 -14.82
N LEU E 14 -8.21 -30.71 -14.60
CA LEU E 14 -8.59 -29.88 -13.48
C LEU E 14 -9.67 -28.82 -13.81
N ILE E 15 -9.49 -28.08 -14.89
CA ILE E 15 -10.44 -27.03 -15.24
C ILE E 15 -11.90 -27.43 -15.48
N GLY E 16 -12.77 -26.89 -14.62
CA GLY E 16 -14.18 -27.19 -14.70
C GLY E 16 -14.61 -28.35 -13.83
N GLN E 17 -13.65 -29.07 -13.28
CA GLN E 17 -13.99 -30.20 -12.42
C GLN E 17 -14.54 -29.72 -11.08
N LYS E 18 -15.65 -30.32 -10.66
CA LYS E 18 -16.30 -29.97 -9.39
C LYS E 18 -16.05 -31.03 -8.31
N VAL E 19 -16.04 -30.59 -7.05
CA VAL E 19 -15.88 -31.49 -5.91
C VAL E 19 -16.83 -30.98 -4.83
N LYS E 20 -17.48 -31.87 -4.11
CA LYS E 20 -18.41 -31.45 -3.07
C LYS E 20 -17.66 -30.63 -2.00
N ARG E 21 -18.28 -29.54 -1.55
CA ARG E 21 -17.69 -28.64 -0.54
C ARG E 21 -17.57 -29.30 0.82
N PRO E 22 -16.48 -29.04 1.54
CA PRO E 22 -16.28 -29.63 2.87
C PRO E 22 -16.13 -28.56 3.95
N ALA E 31 -7.17 -27.62 4.22
CA ALA E 31 -7.71 -26.52 3.42
C ALA E 31 -9.00 -26.96 2.70
N ALA E 32 -9.76 -25.99 2.21
CA ALA E 32 -10.98 -26.31 1.49
C ALA E 32 -10.66 -26.59 0.03
N GLY E 33 -9.37 -26.53 -0.29
CA GLY E 33 -8.89 -26.78 -1.65
C GLY E 33 -8.01 -28.03 -1.78
N GLU E 34 -7.79 -28.72 -0.67
CA GLU E 34 -7.00 -29.96 -0.66
C GLU E 34 -7.43 -30.88 -1.80
N PRO E 35 -8.74 -31.12 -1.93
CA PRO E 35 -9.24 -31.99 -3.01
C PRO E 35 -8.52 -31.83 -4.35
N PHE E 36 -8.17 -30.60 -4.72
CA PHE E 36 -7.51 -30.40 -6.01
C PHE E 36 -6.04 -30.92 -6.00
N GLU E 37 -5.39 -30.80 -4.84
CA GLU E 37 -4.01 -31.26 -4.67
C GLU E 37 -4.04 -32.79 -4.78
N LYS E 38 -5.07 -33.39 -4.19
CA LYS E 38 -5.21 -34.84 -4.24
C LYS E 38 -5.44 -35.29 -5.68
N LEU E 39 -6.17 -34.50 -6.45
CA LEU E 39 -6.46 -34.82 -7.83
C LEU E 39 -5.21 -34.74 -8.71
N VAL E 40 -4.30 -33.85 -8.32
CA VAL E 40 -3.03 -33.65 -9.02
C VAL E 40 -2.10 -34.85 -8.76
N TYR E 41 -2.03 -35.27 -7.50
CA TYR E 41 -1.19 -36.40 -7.12
C TYR E 41 -1.71 -37.69 -7.78
N LYS E 42 -3.01 -37.92 -7.68
CA LYS E 42 -3.63 -39.09 -8.27
C LYS E 42 -3.37 -39.21 -9.76
N PHE E 43 -3.39 -38.08 -10.47
CA PHE E 43 -3.17 -38.03 -11.91
C PHE E 43 -1.73 -38.42 -12.17
N LEU E 44 -0.81 -37.72 -11.48
CA LEU E 44 0.62 -37.98 -11.61
C LEU E 44 0.98 -39.41 -11.29
N LYS E 45 0.30 -39.98 -10.30
CA LYS E 45 0.57 -41.34 -9.89
C LYS E 45 0.09 -42.34 -10.95
N GLU E 46 -0.83 -41.86 -11.78
CA GLU E 46 -1.40 -42.67 -12.84
C GLU E 46 -0.77 -42.40 -14.21
N ASN E 47 0.05 -41.36 -14.36
CA ASN E 47 0.65 -41.06 -15.65
C ASN E 47 2.16 -40.94 -15.62
N LEU E 48 2.73 -41.08 -14.43
CA LEU E 48 4.17 -41.03 -14.19
C LEU E 48 4.40 -41.87 -12.91
N SER E 49 3.68 -42.99 -12.82
CA SER E 49 3.74 -43.88 -11.66
C SER E 49 5.14 -44.09 -11.06
N ASP E 50 6.12 -44.40 -11.88
CA ASP E 50 7.45 -44.64 -11.36
C ASP E 50 8.25 -43.41 -10.92
N LEU E 51 7.71 -42.23 -11.15
CA LEU E 51 8.40 -41.02 -10.76
C LEU E 51 7.74 -40.31 -9.58
N THR E 52 6.48 -40.62 -9.33
CA THR E 52 5.71 -39.94 -8.31
C THR E 52 5.64 -40.55 -6.92
N PHE E 53 5.83 -39.67 -5.94
CA PHE E 53 5.85 -40.03 -4.54
C PHE E 53 5.38 -38.86 -3.68
N LYS E 54 4.76 -39.17 -2.55
CA LYS E 54 4.40 -38.10 -1.62
C LYS E 54 5.70 -38.08 -0.82
N GLN E 55 6.16 -36.91 -0.38
CA GLN E 55 7.41 -36.86 0.35
C GLN E 55 7.64 -38.00 1.35
N TYR E 56 6.65 -38.29 2.19
CA TYR E 56 6.83 -39.36 3.15
C TYR E 56 6.82 -40.74 2.50
N GLU E 57 6.05 -40.88 1.45
CA GLU E 57 5.95 -42.13 0.69
C GLU E 57 7.35 -42.48 0.15
N TYR E 58 8.16 -41.45 -0.10
CA TYR E 58 9.49 -41.69 -0.63
C TYR E 58 10.39 -42.27 0.46
N LEU E 59 10.47 -41.57 1.58
CA LEU E 59 11.29 -41.99 2.71
C LEU E 59 11.03 -43.45 3.09
N ASN E 60 9.75 -43.83 3.15
CA ASN E 60 9.43 -45.21 3.50
C ASN E 60 10.02 -46.18 2.50
N ASP E 61 9.81 -45.92 1.20
CA ASP E 61 10.35 -46.80 0.18
C ASP E 61 11.85 -46.86 0.30
N LEU E 62 12.49 -45.70 0.41
CA LEU E 62 13.94 -45.63 0.55
C LEU E 62 14.42 -46.54 1.69
N PHE E 63 13.73 -46.48 2.82
CA PHE E 63 14.08 -47.29 3.97
C PHE E 63 13.68 -48.75 3.78
N MET E 64 12.56 -48.96 3.12
CA MET E 64 12.09 -50.31 2.90
C MET E 64 13.01 -51.10 1.95
N LYS E 65 13.60 -50.42 0.96
CA LYS E 65 14.50 -51.06 -0.01
C LYS E 65 15.87 -51.34 0.60
N ASN E 66 16.00 -51.10 1.90
CA ASN E 66 17.26 -51.30 2.59
C ASN E 66 16.98 -51.75 3.99
N PRO E 67 16.35 -52.92 4.13
CA PRO E 67 16.01 -53.46 5.45
C PRO E 67 17.20 -53.67 6.39
N ALA E 68 18.32 -54.11 5.84
CA ALA E 68 19.49 -54.37 6.67
C ALA E 68 20.12 -53.11 7.24
N ILE E 69 19.55 -51.96 6.90
CA ILE E 69 20.10 -50.70 7.37
C ILE E 69 19.28 -50.09 8.51
N ILE E 70 19.66 -50.38 9.74
CA ILE E 70 18.93 -49.84 10.90
C ILE E 70 19.79 -48.79 11.59
N GLY E 71 19.14 -47.97 12.42
CA GLY E 71 19.88 -46.94 13.14
C GLY E 71 19.92 -45.66 12.32
N HIS E 72 19.83 -44.51 12.99
CA HIS E 72 19.81 -43.26 12.25
C HIS E 72 21.02 -42.94 11.38
N GLU E 73 22.22 -43.05 11.95
CA GLU E 73 23.44 -42.73 11.22
C GLU E 73 23.52 -43.40 9.84
N ALA E 74 23.24 -44.70 9.80
CA ALA E 74 23.26 -45.47 8.57
C ALA E 74 22.14 -45.01 7.66
N ARG E 75 20.94 -44.92 8.21
CA ARG E 75 19.79 -44.51 7.42
C ARG E 75 20.01 -43.14 6.81
N TYR E 76 20.72 -42.26 7.50
CA TYR E 76 20.99 -40.96 6.94
C TYR E 76 21.97 -41.07 5.79
N LYS E 77 22.70 -42.19 5.74
CA LYS E 77 23.68 -42.42 4.68
C LYS E 77 22.99 -42.73 3.34
N LEU E 78 21.74 -43.17 3.43
CA LEU E 78 20.95 -43.54 2.28
C LEU E 78 20.66 -42.39 1.29
N PHE E 79 20.58 -41.16 1.77
CA PHE E 79 20.31 -40.03 0.91
C PHE E 79 21.42 -39.70 -0.10
N ASN E 80 22.64 -40.12 0.18
CA ASN E 80 23.80 -39.85 -0.68
C ASN E 80 23.99 -38.38 -1.00
N SER E 81 23.45 -37.48 -0.17
CA SER E 81 23.65 -36.05 -0.40
C SER E 81 23.11 -35.25 0.79
N PRO E 82 23.94 -34.38 1.39
CA PRO E 82 23.56 -33.54 2.53
C PRO E 82 22.40 -32.60 2.30
N THR E 83 22.37 -31.98 1.11
CA THR E 83 21.35 -31.02 0.73
C THR E 83 19.98 -31.66 0.72
N LEU E 84 19.88 -32.80 0.06
CA LEU E 84 18.61 -33.49 -0.04
C LEU E 84 18.18 -33.94 1.35
N LEU E 85 19.13 -34.49 2.10
CA LEU E 85 18.82 -34.96 3.45
C LEU E 85 18.20 -33.83 4.26
N PHE E 86 18.80 -32.64 4.18
CA PHE E 86 18.31 -31.49 4.90
C PHE E 86 16.87 -31.21 4.51
N LEU E 87 16.62 -31.28 3.21
CA LEU E 87 15.32 -31.01 2.64
C LEU E 87 14.28 -32.12 2.77
N LEU E 88 14.69 -33.36 2.92
CA LEU E 88 13.73 -34.46 2.97
C LEU E 88 13.68 -35.32 4.23
N SER E 89 14.75 -35.29 5.02
CA SER E 89 14.86 -36.07 6.26
C SER E 89 13.84 -35.78 7.34
N ARG E 90 13.61 -36.76 8.22
CA ARG E 90 12.66 -36.58 9.30
C ARG E 90 13.22 -36.38 10.70
N GLY E 91 14.52 -36.44 10.89
CA GLY E 91 14.99 -36.26 12.26
C GLY E 91 15.38 -37.54 12.98
N LYS E 92 16.26 -37.39 13.96
CA LYS E 92 16.82 -38.47 14.76
C LYS E 92 15.90 -39.57 15.27
N ALA E 93 15.09 -39.23 16.27
CA ALA E 93 14.16 -40.16 16.88
C ALA E 93 13.24 -40.78 15.86
N ALA E 94 12.73 -39.93 14.96
CA ALA E 94 11.83 -40.38 13.91
C ALA E 94 12.52 -41.35 12.96
N THR E 95 13.73 -40.98 12.51
CA THR E 95 14.49 -41.85 11.62
C THR E 95 14.93 -43.15 12.32
N GLU E 96 15.28 -43.04 13.60
CA GLU E 96 15.71 -44.20 14.36
C GLU E 96 14.51 -45.11 14.69
N ASN E 97 13.39 -44.54 15.11
CA ASN E 97 12.27 -45.38 15.46
C ASN E 97 11.51 -45.93 14.27
N TRP E 98 11.93 -45.57 13.06
CA TRP E 98 11.25 -46.04 11.85
C TRP E 98 11.31 -47.56 11.69
N SER E 99 10.18 -48.15 11.33
CA SER E 99 10.09 -49.60 11.09
C SER E 99 9.02 -49.84 10.06
N ILE E 100 8.94 -51.08 9.57
CA ILE E 100 7.93 -51.39 8.59
C ILE E 100 6.58 -51.43 9.29
N GLU E 101 6.62 -51.50 10.61
CA GLU E 101 5.38 -51.53 11.40
C GLU E 101 5.14 -50.14 12.02
N ASN E 102 6.04 -49.20 11.75
CA ASN E 102 5.92 -47.83 12.26
C ASN E 102 6.39 -46.83 11.19
N LEU E 103 5.73 -46.91 10.03
CA LEU E 103 6.02 -46.09 8.85
C LEU E 103 5.92 -44.58 8.97
N PHE E 104 6.56 -43.86 8.06
CA PHE E 104 6.47 -42.40 8.11
C PHE E 104 5.09 -41.96 7.61
N GLU E 105 4.62 -40.83 8.12
CA GLU E 105 3.34 -40.32 7.70
C GLU E 105 3.48 -38.87 7.31
N GLU E 106 2.42 -38.31 6.76
CA GLU E 106 2.42 -36.92 6.36
C GLU E 106 2.74 -36.05 7.59
N LYS E 107 3.48 -34.96 7.38
CA LYS E 107 3.86 -34.03 8.44
C LYS E 107 3.65 -32.63 7.86
N GLN E 108 2.90 -31.73 8.54
CA GLN E 108 2.62 -30.40 7.97
C GLN E 108 3.86 -29.53 7.91
N ASN E 109 5.00 -30.17 7.87
CA ASN E 109 6.27 -29.47 7.84
C ASN E 109 6.97 -29.84 6.55
N ASP E 110 6.68 -31.02 6.04
CA ASP E 110 7.34 -31.46 4.84
C ASP E 110 7.57 -30.36 3.81
N THR E 111 8.79 -30.32 3.31
CA THR E 111 9.15 -29.32 2.34
C THR E 111 8.28 -29.34 1.09
N ALA E 112 7.86 -30.54 0.68
CA ALA E 112 7.07 -30.71 -0.53
C ALA E 112 5.78 -31.48 -0.38
N ASP E 113 4.92 -31.32 -1.40
CA ASP E 113 3.64 -32.01 -1.48
C ASP E 113 3.89 -33.25 -2.31
N ILE E 114 4.53 -33.05 -3.45
CA ILE E 114 4.84 -34.15 -4.34
C ILE E 114 6.30 -34.19 -4.75
N LEU E 115 6.79 -35.39 -4.93
CA LEU E 115 8.18 -35.62 -5.32
C LEU E 115 8.21 -36.46 -6.59
N LEU E 116 9.00 -36.01 -7.57
CA LEU E 116 9.17 -36.73 -8.81
C LEU E 116 10.67 -36.87 -9.06
N VAL E 117 11.16 -38.10 -9.10
CA VAL E 117 12.59 -38.35 -9.31
C VAL E 117 12.82 -39.29 -10.49
N LYS E 118 13.89 -39.04 -11.22
CA LYS E 118 14.23 -39.84 -12.40
C LYS E 118 15.72 -39.64 -12.65
N ASP E 119 16.41 -40.72 -13.03
CA ASP E 119 17.85 -40.68 -13.29
C ASP E 119 18.58 -39.93 -12.15
N GLN E 120 18.12 -40.13 -10.92
CA GLN E 120 18.74 -39.49 -9.78
C GLN E 120 18.56 -37.96 -9.77
N PHE E 121 17.52 -37.46 -10.41
CA PHE E 121 17.27 -36.03 -10.37
C PHE E 121 15.93 -35.83 -9.65
N TYR E 122 15.85 -34.82 -8.79
CA TYR E 122 14.62 -34.60 -8.03
C TYR E 122 13.87 -33.30 -8.29
N GLU E 123 12.56 -33.43 -8.40
CA GLU E 123 11.70 -32.26 -8.57
C GLU E 123 10.78 -32.13 -7.34
N LEU E 124 11.00 -31.09 -6.55
CA LEU E 124 10.16 -30.86 -5.37
C LEU E 124 8.91 -30.07 -5.73
N LEU E 125 7.76 -30.72 -5.93
CA LEU E 125 6.55 -30.00 -6.31
C LEU E 125 5.70 -29.56 -5.12
N ASP E 126 5.48 -28.26 -5.02
CA ASP E 126 4.66 -27.74 -3.95
C ASP E 126 3.47 -27.06 -4.61
N VAL E 127 2.27 -27.63 -4.44
CA VAL E 127 1.06 -27.04 -5.04
C VAL E 127 0.23 -26.09 -4.17
N LYS E 128 0.07 -24.86 -4.67
CA LYS E 128 -0.64 -23.76 -4.00
C LYS E 128 -2.11 -23.57 -4.48
N THR E 129 -3.07 -23.57 -3.55
CA THR E 129 -4.47 -23.37 -3.92
C THR E 129 -4.83 -21.93 -3.57
N ARG E 130 -5.77 -21.38 -4.35
CA ARG E 130 -6.21 -20.00 -4.18
C ARG E 130 -7.71 -19.83 -4.48
N ASN E 131 -8.44 -19.23 -3.53
CA ASN E 131 -9.88 -18.97 -3.67
C ASN E 131 -9.99 -17.68 -4.49
N ILE E 132 -10.33 -17.83 -5.76
CA ILE E 132 -10.42 -16.72 -6.70
C ILE E 132 -11.56 -15.75 -6.43
N SER E 133 -12.40 -16.05 -5.46
CA SER E 133 -13.50 -15.15 -5.13
C SER E 133 -13.03 -14.03 -4.23
N LYS E 134 -11.71 -13.93 -4.04
CA LYS E 134 -11.13 -12.91 -3.19
C LYS E 134 -9.82 -12.44 -3.79
N SER E 135 -9.45 -11.18 -3.56
CA SER E 135 -8.20 -10.69 -4.11
C SER E 135 -7.30 -10.57 -2.89
N ALA E 136 -6.54 -11.63 -2.64
CA ALA E 136 -5.68 -11.70 -1.46
C ALA E 136 -4.19 -11.43 -1.67
N GLN E 137 -3.46 -11.32 -0.57
CA GLN E 137 -2.02 -11.06 -0.56
C GLN E 137 -1.30 -12.27 -1.17
N ALA E 138 -0.06 -12.08 -1.62
CA ALA E 138 0.70 -13.21 -2.15
C ALA E 138 0.87 -14.16 -0.96
N PRO E 139 0.67 -15.47 -1.19
CA PRO E 139 0.77 -16.52 -0.18
C PRO E 139 2.20 -16.97 0.17
N ASN E 140 2.34 -17.72 1.25
CA ASN E 140 3.62 -18.22 1.68
C ASN E 140 4.11 -19.19 0.60
N ILE E 141 5.37 -19.05 0.19
CA ILE E 141 5.90 -19.95 -0.82
C ILE E 141 6.82 -20.98 -0.18
N ILE E 142 7.90 -20.49 0.45
CA ILE E 142 8.88 -21.34 1.13
C ILE E 142 9.70 -20.47 2.11
N SER E 143 10.13 -21.08 3.22
CA SER E 143 10.94 -20.34 4.17
C SER E 143 12.19 -19.78 3.48
N ALA E 144 12.42 -18.48 3.63
CA ALA E 144 13.58 -17.87 3.03
C ALA E 144 14.80 -18.41 3.77
N TYR E 145 14.60 -18.74 5.05
CA TYR E 145 15.67 -19.27 5.85
C TYR E 145 16.00 -20.70 5.41
N LYS E 146 14.99 -21.50 5.17
CA LYS E 146 15.24 -22.84 4.73
C LYS E 146 15.94 -22.80 3.36
N LEU E 147 15.59 -21.80 2.55
CA LEU E 147 16.16 -21.61 1.21
C LEU E 147 17.62 -21.26 1.32
N ALA E 148 17.93 -20.29 2.19
CA ALA E 148 19.31 -19.87 2.40
C ALA E 148 20.18 -21.08 2.82
N GLN E 149 19.70 -21.89 3.77
CA GLN E 149 20.47 -23.04 4.20
C GLN E 149 20.65 -23.99 3.01
N THR E 150 19.59 -24.17 2.24
CA THR E 150 19.68 -25.04 1.08
C THR E 150 20.78 -24.52 0.15
N CYS E 151 20.81 -23.22 -0.10
CA CYS E 151 21.83 -22.68 -0.98
C CYS E 151 23.25 -22.88 -0.42
N ALA E 152 23.44 -22.62 0.88
CA ALA E 152 24.75 -22.83 1.49
C ALA E 152 25.19 -24.28 1.22
N LYS E 153 24.31 -25.24 1.53
CA LYS E 153 24.64 -26.63 1.32
C LYS E 153 24.89 -27.01 -0.15
N MET E 154 24.17 -26.41 -1.07
CA MET E 154 24.39 -26.70 -2.50
C MET E 154 25.87 -26.39 -2.83
N ILE E 155 26.29 -25.22 -2.36
CA ILE E 155 27.63 -24.74 -2.56
C ILE E 155 28.64 -25.62 -1.81
N ASP E 156 28.64 -25.54 -0.49
CA ASP E 156 29.54 -26.35 0.34
C ASP E 156 29.76 -27.80 -0.17
N ASN E 157 28.78 -28.36 -0.88
CA ASN E 157 28.90 -29.72 -1.38
C ASN E 157 28.94 -29.81 -2.90
N LYS E 158 28.73 -28.68 -3.57
CA LYS E 158 28.76 -28.65 -5.03
C LYS E 158 27.64 -29.50 -5.64
N GLU E 159 26.41 -29.30 -5.19
CA GLU E 159 25.28 -30.06 -5.73
C GLU E 159 24.42 -29.06 -6.49
N PHE E 160 24.81 -28.76 -7.72
CA PHE E 160 24.08 -27.78 -8.51
C PHE E 160 23.21 -28.35 -9.63
N ASP E 161 23.10 -29.65 -9.73
CA ASP E 161 22.28 -30.23 -10.79
C ASP E 161 21.59 -31.44 -10.20
N LEU E 162 21.13 -31.27 -8.97
CA LEU E 162 20.50 -32.36 -8.26
C LEU E 162 18.98 -32.27 -8.17
N PHE E 163 18.47 -31.07 -8.00
CA PHE E 163 17.04 -30.95 -7.79
C PHE E 163 16.51 -29.59 -8.16
N ASP E 164 15.19 -29.53 -8.27
CA ASP E 164 14.50 -28.28 -8.57
C ASP E 164 13.32 -28.14 -7.66
N ILE E 165 12.95 -26.90 -7.38
CA ILE E 165 11.79 -26.64 -6.55
C ILE E 165 10.78 -25.87 -7.40
N ASN E 166 9.67 -26.52 -7.75
CA ASN E 166 8.66 -25.87 -8.58
C ASN E 166 7.24 -25.72 -7.97
N TYR E 167 6.48 -24.74 -8.46
CA TYR E 167 5.13 -24.53 -7.93
C TYR E 167 3.99 -24.59 -8.94
N LEU E 168 2.86 -25.12 -8.48
CA LEU E 168 1.66 -25.26 -9.29
C LEU E 168 0.52 -24.57 -8.56
N GLU E 169 -0.02 -23.51 -9.15
CA GLU E 169 -1.11 -22.76 -8.55
C GLU E 169 -2.45 -23.29 -9.07
N VAL E 170 -3.36 -23.60 -8.16
CA VAL E 170 -4.67 -24.11 -8.54
C VAL E 170 -5.76 -23.15 -8.14
N ASP E 171 -6.32 -22.43 -9.10
CA ASP E 171 -7.40 -21.48 -8.85
C ASP E 171 -8.75 -22.13 -8.74
N TRP E 172 -9.51 -21.76 -7.71
CA TRP E 172 -10.84 -22.31 -7.57
C TRP E 172 -11.81 -21.35 -6.93
N GLU E 173 -13.09 -21.74 -6.98
CA GLU E 173 -14.14 -20.97 -6.36
C GLU E 173 -15.30 -21.87 -5.97
N LEU E 174 -16.15 -21.38 -5.06
CA LEU E 174 -17.31 -22.12 -4.58
C LEU E 174 -18.45 -21.85 -5.57
N ASN E 175 -19.16 -22.90 -5.95
CA ASN E 175 -20.29 -22.79 -6.87
C ASN E 175 -21.41 -23.67 -6.35
N GLY E 176 -22.32 -23.07 -5.59
CA GLY E 176 -23.41 -23.84 -5.03
C GLY E 176 -22.89 -24.76 -3.93
N GLU E 177 -23.18 -26.05 -4.06
CA GLU E 177 -22.75 -27.06 -3.09
C GLU E 177 -21.39 -27.62 -3.46
N ASP E 178 -20.79 -27.09 -4.51
CA ASP E 178 -19.50 -27.58 -4.97
C ASP E 178 -18.40 -26.54 -5.05
N LEU E 179 -17.22 -27.04 -5.39
CA LEU E 179 -16.02 -26.23 -5.58
C LEU E 179 -15.64 -26.54 -7.02
N VAL E 180 -15.15 -25.54 -7.74
CA VAL E 180 -14.76 -25.76 -9.13
C VAL E 180 -13.43 -25.05 -9.40
N CYS E 181 -12.56 -25.69 -10.18
CA CYS E 181 -11.26 -25.11 -10.52
C CYS E 181 -11.47 -24.25 -11.77
N VAL E 182 -10.99 -23.01 -11.78
CA VAL E 182 -11.18 -22.12 -12.93
C VAL E 182 -9.92 -21.78 -13.74
N SER E 183 -8.75 -22.03 -13.16
CA SER E 183 -7.51 -21.76 -13.88
C SER E 183 -6.34 -22.45 -13.21
N THR E 184 -5.16 -22.27 -13.78
CA THR E 184 -4.00 -22.94 -13.24
C THR E 184 -2.72 -22.29 -13.71
N SER E 185 -1.73 -22.16 -12.83
CA SER E 185 -0.45 -21.58 -13.21
C SER E 185 0.70 -22.50 -12.79
N PHE E 186 1.85 -22.32 -13.42
CA PHE E 186 3.04 -23.10 -13.10
C PHE E 186 4.28 -22.22 -13.22
N ALA E 187 5.26 -22.44 -12.33
CA ALA E 187 6.52 -21.68 -12.37
C ALA E 187 7.63 -22.42 -11.63
N GLU E 188 8.86 -22.11 -12.01
CA GLU E 188 10.04 -22.74 -11.42
C GLU E 188 10.81 -21.71 -10.62
N LEU E 189 11.09 -22.03 -9.38
CA LEU E 189 11.81 -21.12 -8.49
C LEU E 189 13.18 -20.69 -8.99
N PHE E 190 13.95 -21.68 -9.45
CA PHE E 190 15.33 -21.44 -9.92
C PHE E 190 15.41 -20.75 -11.29
N LYS E 191 14.25 -20.30 -11.77
CA LYS E 191 14.14 -19.59 -13.04
C LYS E 191 13.76 -18.14 -12.78
N SER E 192 13.49 -17.82 -11.51
CA SER E 192 13.10 -16.45 -11.19
C SER E 192 14.31 -15.60 -10.80
N GLU E 193 14.15 -14.29 -10.75
CA GLU E 193 15.27 -13.47 -10.36
C GLU E 193 15.34 -13.54 -8.83
N PRO E 194 16.38 -14.20 -8.31
CA PRO E 194 16.56 -14.35 -6.86
C PRO E 194 16.59 -13.05 -6.07
N SER E 195 17.19 -12.01 -6.62
CA SER E 195 17.26 -10.74 -5.93
C SER E 195 15.89 -10.06 -5.84
N GLU E 196 14.89 -10.63 -6.51
CA GLU E 196 13.54 -10.05 -6.55
C GLU E 196 12.57 -10.73 -5.56
N LEU E 197 12.91 -11.91 -5.06
CA LEU E 197 12.02 -12.59 -4.14
C LEU E 197 11.72 -11.73 -2.92
N TYR E 198 10.44 -11.58 -2.58
CA TYR E 198 10.06 -10.79 -1.42
C TYR E 198 10.05 -11.69 -0.19
N ILE E 199 10.84 -11.31 0.81
CA ILE E 199 10.89 -12.10 2.03
C ILE E 199 10.02 -11.43 3.10
N ASN E 200 8.91 -12.08 3.44
CA ASN E 200 8.04 -11.55 4.47
C ASN E 200 8.49 -12.14 5.83
N TRP E 201 9.32 -11.40 6.55
CA TRP E 201 9.85 -11.85 7.83
C TRP E 201 8.81 -12.29 8.86
N ALA E 202 7.83 -11.43 9.15
CA ALA E 202 6.79 -11.75 10.10
C ALA E 202 6.01 -13.00 9.68
N ALA E 203 5.74 -13.12 8.38
CA ALA E 203 5.00 -14.27 7.88
C ALA E 203 5.86 -15.52 7.82
N ALA E 204 6.36 -15.93 8.97
CA ALA E 204 7.22 -17.11 9.06
C ALA E 204 8.48 -16.96 8.21
N MET E 205 8.95 -15.73 8.03
CA MET E 205 10.14 -15.51 7.21
C MET E 205 9.99 -16.18 5.84
N GLN E 206 8.78 -16.22 5.28
CA GLN E 206 8.56 -16.88 3.98
C GLN E 206 8.66 -15.99 2.74
N ILE E 207 9.12 -16.53 1.62
CA ILE E 207 9.12 -15.67 0.45
C ILE E 207 7.67 -15.77 -0.08
N GLN E 208 7.17 -14.66 -0.63
CA GLN E 208 5.79 -14.65 -1.13
C GLN E 208 5.65 -14.11 -2.55
N PHE E 209 4.81 -14.78 -3.33
CA PHE E 209 4.51 -14.36 -4.70
C PHE E 209 3.37 -15.20 -5.23
N HIS E 210 2.70 -14.67 -6.24
CA HIS E 210 1.62 -15.38 -6.92
C HIS E 210 2.30 -16.10 -8.04
N VAL E 211 2.22 -17.43 -8.02
CA VAL E 211 2.84 -18.28 -9.03
C VAL E 211 2.58 -17.68 -10.41
N ARG E 212 1.34 -17.24 -10.59
CA ARG E 212 0.87 -16.64 -11.83
C ARG E 212 1.74 -15.50 -12.37
N ASP E 213 2.25 -14.66 -11.47
CA ASP E 213 3.03 -13.50 -11.85
C ASP E 213 4.53 -13.65 -11.67
N LEU E 214 5.01 -14.82 -11.25
CA LEU E 214 6.44 -15.00 -11.04
C LEU E 214 7.26 -14.89 -12.32
N ASP E 215 8.39 -14.17 -12.25
CA ASP E 215 9.25 -14.02 -13.42
C ASP E 215 10.08 -15.28 -13.65
N GLN E 216 10.34 -15.59 -14.91
CA GLN E 216 11.11 -16.77 -15.25
C GLN E 216 12.24 -16.42 -16.21
N GLY E 217 12.85 -15.27 -15.99
CA GLY E 217 13.91 -14.85 -16.89
C GLY E 217 15.33 -15.18 -16.53
N PHE E 218 15.59 -15.61 -15.30
CA PHE E 218 16.95 -15.93 -14.90
C PHE E 218 17.63 -16.83 -15.90
N ASN E 219 18.75 -16.39 -16.44
CA ASN E 219 19.46 -17.19 -17.44
C ASN E 219 20.88 -17.56 -17.04
N GLY E 220 21.25 -17.23 -15.81
CA GLY E 220 22.59 -17.55 -15.32
C GLY E 220 22.68 -19.00 -14.87
N THR E 221 23.71 -19.31 -14.10
CA THR E 221 23.91 -20.66 -13.60
C THR E 221 23.17 -20.95 -12.25
N ARG E 222 23.06 -22.22 -11.87
CA ARG E 222 22.41 -22.59 -10.62
C ARG E 222 23.27 -22.10 -9.46
N GLU E 223 24.58 -22.26 -9.61
CA GLU E 223 25.52 -21.81 -8.59
C GLU E 223 25.41 -20.29 -8.47
N GLU E 224 25.28 -19.60 -9.60
CA GLU E 224 25.14 -18.16 -9.57
C GLU E 224 23.84 -17.83 -8.86
N TRP E 225 22.81 -18.64 -9.07
CA TRP E 225 21.52 -18.43 -8.43
C TRP E 225 21.71 -18.61 -6.91
N ALA E 226 22.28 -19.74 -6.51
CA ALA E 226 22.52 -20.01 -5.11
C ALA E 226 23.27 -18.88 -4.41
N LYS E 227 24.36 -18.40 -5.01
CA LYS E 227 25.12 -17.32 -4.39
C LYS E 227 24.36 -15.99 -4.41
N SER E 228 23.67 -15.71 -5.51
CA SER E 228 22.91 -14.45 -5.61
C SER E 228 21.85 -14.32 -4.53
N TYR E 229 21.09 -15.40 -4.31
CA TYR E 229 20.02 -15.35 -3.32
C TYR E 229 20.56 -15.17 -1.92
N LEU E 230 21.67 -15.83 -1.64
CA LEU E 230 22.29 -15.74 -0.34
C LEU E 230 22.63 -14.29 -0.01
N LYS E 231 23.09 -13.54 -1.01
CA LYS E 231 23.42 -12.14 -0.78
C LYS E 231 22.14 -11.38 -0.51
N HIS E 232 21.12 -11.69 -1.29
CA HIS E 232 19.83 -11.03 -1.14
C HIS E 232 19.23 -11.34 0.22
N PHE E 233 19.42 -12.56 0.70
CA PHE E 233 18.87 -12.93 2.01
C PHE E 233 19.53 -12.13 3.12
N VAL E 234 20.86 -12.15 3.15
CA VAL E 234 21.65 -11.42 4.15
C VAL E 234 21.30 -9.94 4.24
N THR E 235 21.22 -9.29 3.09
CA THR E 235 20.89 -7.86 3.08
C THR E 235 19.52 -7.61 3.66
N GLN E 236 18.54 -8.38 3.21
CA GLN E 236 17.18 -8.20 3.70
C GLN E 236 17.10 -8.41 5.21
N ALA E 237 17.83 -9.40 5.72
CA ALA E 237 17.84 -9.65 7.16
C ALA E 237 18.41 -8.42 7.88
N GLU E 238 19.50 -7.87 7.35
CA GLU E 238 20.09 -6.69 7.98
C GLU E 238 19.09 -5.55 7.96
N GLN E 239 18.47 -5.33 6.79
CA GLN E 239 17.48 -4.26 6.65
C GLN E 239 16.34 -4.48 7.63
N ARG E 240 15.96 -5.73 7.80
CA ARG E 240 14.88 -6.08 8.70
C ARG E 240 15.26 -5.73 10.14
N ALA E 241 16.49 -6.05 10.53
CA ALA E 241 16.95 -5.75 11.88
C ALA E 241 16.74 -4.27 12.19
N ILE E 242 16.98 -3.43 11.20
CA ILE E 242 16.81 -2.00 11.37
C ILE E 242 15.32 -1.65 11.45
N SER E 243 14.51 -2.21 10.55
CA SER E 243 13.07 -1.96 10.51
C SER E 243 12.41 -2.24 11.86
N MET E 244 12.75 -3.37 12.45
CA MET E 244 12.15 -3.76 13.71
C MET E 244 12.31 -2.67 14.77
N ILE E 245 13.47 -2.02 14.83
CA ILE E 245 13.65 -0.97 15.84
C ILE E 245 12.72 0.19 15.51
N ASP E 246 12.65 0.50 14.23
CA ASP E 246 11.79 1.58 13.79
C ASP E 246 10.30 1.39 14.02
N LYS E 247 9.82 0.17 13.81
CA LYS E 247 8.39 -0.08 13.95
C LYS E 247 7.93 -0.61 15.30
N PHE E 248 8.76 -1.45 15.91
CA PHE E 248 8.43 -2.09 17.17
C PHE E 248 9.18 -1.56 18.42
N VAL E 249 10.01 -0.53 18.25
CA VAL E 249 10.70 0.04 19.38
C VAL E 249 10.46 1.53 19.51
N LYS E 250 11.01 2.31 18.58
CA LYS E 250 10.87 3.76 18.62
C LYS E 250 9.48 4.29 19.00
N PRO E 251 8.40 3.80 18.38
CA PRO E 251 7.05 4.26 18.72
C PRO E 251 6.46 3.82 20.04
N PHE E 252 7.07 2.85 20.69
CA PHE E 252 6.53 2.39 21.97
C PHE E 252 7.46 2.75 23.13
N LYS E 253 8.62 3.31 22.79
CA LYS E 253 9.60 3.69 23.80
C LYS E 253 9.05 4.74 24.77
N LYS E 254 7.96 5.39 24.40
CA LYS E 254 7.34 6.43 25.25
C LYS E 254 6.38 5.90 26.30
N TYR E 255 6.23 4.58 26.41
CA TYR E 255 5.32 4.01 27.42
C TYR E 255 6.10 3.29 28.53
N ILE E 256 7.42 3.15 28.35
CA ILE E 256 8.27 2.45 29.31
C ILE E 256 8.77 3.33 30.45
N LEU E 257 8.87 4.63 30.19
CA LEU E 257 9.32 5.57 31.23
C LEU E 257 10.69 5.18 31.80
N SER F 1 -14.75 -12.47 33.12
CA SER F 1 -15.22 -13.59 32.26
C SER F 1 -16.65 -14.01 32.57
N PHE F 2 -17.45 -14.13 31.51
CA PHE F 2 -18.84 -14.56 31.59
C PHE F 2 -18.88 -16.09 31.37
N ILE F 3 -17.78 -16.65 30.87
CA ILE F 3 -17.68 -18.09 30.59
C ILE F 3 -17.17 -18.85 31.83
N LYS F 4 -16.21 -18.26 32.53
CA LYS F 4 -15.62 -18.87 33.72
C LYS F 4 -16.65 -19.34 34.77
N PRO F 5 -17.61 -18.47 35.12
CA PRO F 5 -18.59 -18.91 36.12
C PRO F 5 -19.27 -20.21 35.74
N ILE F 6 -19.23 -20.57 34.47
CA ILE F 6 -19.87 -21.82 34.07
C ILE F 6 -18.91 -22.76 33.35
N TYR F 7 -17.62 -22.57 33.59
CA TYR F 7 -16.58 -23.37 32.96
C TYR F 7 -16.78 -24.85 33.18
N GLN F 8 -16.93 -25.21 34.44
CA GLN F 8 -17.10 -26.60 34.84
C GLN F 8 -18.19 -27.27 34.02
N ASP F 9 -19.27 -26.57 33.71
CA ASP F 9 -20.34 -27.14 32.90
C ASP F 9 -19.93 -27.33 31.47
N ILE F 10 -19.03 -26.48 30.98
CA ILE F 10 -18.58 -26.57 29.59
C ILE F 10 -17.67 -27.77 29.47
N ASN F 11 -16.71 -27.84 30.38
CA ASN F 11 -15.74 -28.92 30.42
C ASN F 11 -16.51 -30.23 30.46
N SER F 12 -17.63 -30.22 31.17
CA SER F 12 -18.43 -31.42 31.30
C SER F 12 -19.11 -31.82 30.00
N ILE F 13 -19.61 -30.84 29.26
CA ILE F 13 -20.32 -31.10 28.00
C ILE F 13 -19.40 -31.43 26.83
N LEU F 14 -18.20 -30.88 26.84
CA LEU F 14 -17.27 -31.11 25.74
C LEU F 14 -16.58 -32.47 25.84
N ILE F 15 -16.07 -32.77 27.03
CA ILE F 15 -15.37 -34.02 27.24
C ILE F 15 -16.23 -35.20 26.79
N GLY F 16 -15.74 -35.93 25.81
CA GLY F 16 -16.50 -37.06 25.32
C GLY F 16 -17.18 -36.77 24.01
N GLN F 17 -17.13 -35.52 23.56
CA GLN F 17 -17.75 -35.15 22.29
C GLN F 17 -16.93 -35.75 21.16
N LYS F 18 -17.59 -35.98 20.04
CA LYS F 18 -16.97 -36.56 18.85
C LYS F 18 -17.18 -35.72 17.60
N VAL F 19 -16.21 -35.72 16.69
CA VAL F 19 -16.37 -34.98 15.43
C VAL F 19 -15.80 -35.83 14.29
N LYS F 20 -16.41 -35.73 13.12
CA LYS F 20 -15.96 -36.53 11.99
C LYS F 20 -14.49 -36.29 11.62
N ARG F 21 -13.69 -37.37 11.71
CA ARG F 21 -12.27 -37.29 11.39
C ARG F 21 -12.05 -36.84 9.95
N ALA F 31 -8.02 -25.18 12.18
CA ALA F 31 -7.37 -26.19 11.34
C ALA F 31 -7.41 -27.58 11.98
N ALA F 32 -8.05 -28.52 11.29
CA ALA F 32 -8.17 -29.90 11.76
C ALA F 32 -9.33 -30.07 12.74
N GLY F 33 -9.08 -29.84 14.03
CA GLY F 33 -10.13 -29.96 15.01
C GLY F 33 -10.97 -28.70 15.13
N GLU F 34 -11.12 -27.99 14.03
CA GLU F 34 -11.90 -26.76 14.01
C GLU F 34 -13.30 -26.98 14.55
N PRO F 35 -14.02 -27.98 14.02
CA PRO F 35 -15.39 -28.26 14.46
C PRO F 35 -15.65 -28.12 15.95
N PHE F 36 -14.63 -28.34 16.78
CA PHE F 36 -14.81 -28.21 18.23
C PHE F 36 -15.17 -26.76 18.60
N GLU F 37 -14.58 -25.80 17.90
CA GLU F 37 -14.91 -24.43 18.20
C GLU F 37 -16.41 -24.21 17.92
N LYS F 38 -16.99 -25.04 17.06
CA LYS F 38 -18.42 -24.88 16.76
C LYS F 38 -19.28 -25.40 17.88
N LEU F 39 -18.80 -26.43 18.58
CA LEU F 39 -19.53 -26.98 19.72
C LEU F 39 -19.53 -26.00 20.86
N VAL F 40 -18.39 -25.32 21.04
CA VAL F 40 -18.27 -24.34 22.12
C VAL F 40 -19.32 -23.26 21.81
N TYR F 41 -19.37 -22.80 20.56
CA TYR F 41 -20.35 -21.78 20.19
C TYR F 41 -21.77 -22.24 20.53
N LYS F 42 -22.16 -23.39 19.98
CA LYS F 42 -23.48 -23.96 20.23
C LYS F 42 -23.81 -23.96 21.74
N PHE F 43 -22.88 -24.42 22.56
CA PHE F 43 -23.11 -24.45 24.01
C PHE F 43 -23.16 -23.04 24.61
N LEU F 44 -22.30 -22.15 24.13
CA LEU F 44 -22.31 -20.77 24.65
C LEU F 44 -23.58 -20.04 24.22
N LYS F 45 -24.11 -20.37 23.06
CA LYS F 45 -25.31 -19.73 22.58
C LYS F 45 -26.51 -20.23 23.39
N GLU F 46 -26.48 -21.50 23.80
CA GLU F 46 -27.56 -22.08 24.59
C GLU F 46 -27.65 -21.55 26.01
N ASN F 47 -26.51 -21.32 26.66
CA ASN F 47 -26.54 -20.85 28.03
C ASN F 47 -26.22 -19.38 28.22
N LEU F 48 -25.91 -18.67 27.14
CA LEU F 48 -25.63 -17.25 27.24
C LEU F 48 -26.04 -16.61 25.93
N SER F 49 -27.26 -16.93 25.49
CA SER F 49 -27.81 -16.43 24.24
C SER F 49 -27.70 -14.93 24.00
N ASP F 50 -27.91 -14.13 25.04
CA ASP F 50 -27.84 -12.68 24.87
C ASP F 50 -26.43 -12.13 24.92
N LEU F 51 -25.45 -12.99 25.14
CA LEU F 51 -24.10 -12.46 25.22
C LEU F 51 -23.17 -13.04 24.15
N THR F 52 -23.53 -14.21 23.62
CA THR F 52 -22.73 -14.92 22.63
C THR F 52 -22.86 -14.39 21.18
N PHE F 53 -21.74 -14.03 20.58
CA PHE F 53 -21.70 -13.49 19.24
C PHE F 53 -20.47 -13.93 18.46
N LYS F 54 -20.62 -14.27 17.19
CA LYS F 54 -19.42 -14.55 16.41
C LYS F 54 -18.95 -13.10 16.25
N GLN F 55 -17.69 -12.86 15.97
CA GLN F 55 -17.28 -11.46 15.86
C GLN F 55 -18.06 -10.72 14.78
N TYR F 56 -18.27 -11.36 13.62
CA TYR F 56 -18.97 -10.70 12.55
C TYR F 56 -20.43 -10.56 12.91
N GLU F 57 -20.95 -11.53 13.62
CA GLU F 57 -22.35 -11.49 14.02
C GLU F 57 -22.58 -10.21 14.83
N TYR F 58 -21.65 -9.89 15.73
CA TYR F 58 -21.78 -8.68 16.55
C TYR F 58 -21.77 -7.42 15.70
N LEU F 59 -20.82 -7.34 14.76
CA LEU F 59 -20.73 -6.18 13.88
C LEU F 59 -22.07 -6.03 13.09
N ASN F 60 -22.58 -7.13 12.56
CA ASN F 60 -23.83 -7.06 11.80
C ASN F 60 -24.94 -6.57 12.71
N ASP F 61 -24.95 -7.07 13.93
CA ASP F 61 -25.97 -6.67 14.86
C ASP F 61 -25.84 -5.18 15.18
N LEU F 62 -24.61 -4.73 15.41
CA LEU F 62 -24.34 -3.34 15.72
C LEU F 62 -24.81 -2.37 14.64
N PHE F 63 -24.57 -2.72 13.37
CA PHE F 63 -24.95 -1.88 12.23
C PHE F 63 -26.43 -1.96 11.89
N MET F 64 -27.04 -3.11 12.17
CA MET F 64 -28.47 -3.27 11.89
C MET F 64 -29.35 -2.36 12.75
N LYS F 65 -29.00 -2.21 14.02
CA LYS F 65 -29.79 -1.38 14.95
C LYS F 65 -29.44 0.11 14.87
N ASN F 66 -28.72 0.53 13.82
CA ASN F 66 -28.37 1.93 13.63
C ASN F 66 -28.58 2.34 12.17
N PRO F 67 -29.81 2.20 11.67
CA PRO F 67 -30.22 2.53 10.31
C PRO F 67 -29.90 3.95 9.86
N ALA F 68 -30.12 4.90 10.76
CA ALA F 68 -29.88 6.31 10.44
C ALA F 68 -28.41 6.55 10.12
N ILE F 69 -27.53 5.80 10.78
CA ILE F 69 -26.08 5.94 10.57
C ILE F 69 -25.58 5.22 9.32
N ILE F 70 -24.99 5.96 8.38
CA ILE F 70 -24.45 5.35 7.16
C ILE F 70 -23.05 5.91 6.90
N GLY F 71 -22.21 5.16 6.19
CA GLY F 71 -20.85 5.59 5.91
C GLY F 71 -19.87 5.11 6.99
N HIS F 72 -18.62 4.81 6.61
CA HIS F 72 -17.65 4.33 7.59
C HIS F 72 -17.34 5.33 8.71
N GLU F 73 -17.23 6.60 8.35
CA GLU F 73 -16.94 7.63 9.34
C GLU F 73 -17.92 7.55 10.51
N ALA F 74 -19.22 7.56 10.22
CA ALA F 74 -20.21 7.49 11.28
C ALA F 74 -20.34 6.09 11.89
N ARG F 75 -20.10 5.05 11.08
CA ARG F 75 -20.19 3.68 11.58
C ARG F 75 -19.11 3.33 12.60
N TYR F 76 -17.91 3.88 12.41
CA TYR F 76 -16.81 3.63 13.35
C TYR F 76 -17.13 4.28 14.70
N LYS F 77 -17.81 5.43 14.67
CA LYS F 77 -18.16 6.11 15.91
C LYS F 77 -19.08 5.24 16.77
N LEU F 78 -19.77 4.30 16.15
CA LEU F 78 -20.70 3.43 16.87
C LEU F 78 -20.06 2.55 17.96
N PHE F 79 -18.77 2.25 17.81
CA PHE F 79 -18.05 1.43 18.78
C PHE F 79 -17.89 2.18 20.09
N ASN F 80 -17.60 3.46 19.98
CA ASN F 80 -17.44 4.28 21.15
C ASN F 80 -16.23 3.87 21.98
N SER F 81 -15.18 3.42 21.31
CA SER F 81 -13.94 2.98 21.95
C SER F 81 -12.84 2.79 20.91
N PRO F 82 -11.73 3.54 21.03
CA PRO F 82 -10.65 3.40 20.05
C PRO F 82 -10.00 2.03 20.06
N THR F 83 -9.91 1.45 21.25
CA THR F 83 -9.30 0.14 21.42
C THR F 83 -10.22 -0.93 20.82
N LEU F 84 -11.47 -1.00 21.26
CA LEU F 84 -12.39 -2.01 20.71
C LEU F 84 -12.51 -1.86 19.21
N LEU F 85 -12.41 -0.62 18.74
CA LEU F 85 -12.50 -0.36 17.31
C LEU F 85 -11.32 -1.06 16.64
N PHE F 86 -10.13 -0.91 17.21
CA PHE F 86 -8.92 -1.50 16.67
C PHE F 86 -9.01 -3.02 16.62
N LEU F 87 -9.45 -3.61 17.73
CA LEU F 87 -9.59 -5.05 17.89
C LEU F 87 -10.75 -5.75 17.16
N LEU F 88 -11.87 -5.06 16.98
CA LEU F 88 -13.06 -5.66 16.37
C LEU F 88 -13.44 -5.26 14.96
N SER F 89 -13.31 -3.95 14.69
CA SER F 89 -13.62 -3.31 13.42
C SER F 89 -13.21 -4.02 12.14
N ARG F 90 -13.89 -3.68 11.06
CA ARG F 90 -13.61 -4.27 9.79
C ARG F 90 -13.04 -3.16 8.94
N GLY F 91 -12.63 -3.47 7.72
CA GLY F 91 -12.06 -2.45 6.86
C GLY F 91 -12.93 -1.26 6.52
N LYS F 92 -12.27 -0.19 6.06
CA LYS F 92 -12.94 1.05 5.67
C LYS F 92 -13.93 0.82 4.52
N ALA F 93 -13.46 0.20 3.45
CA ALA F 93 -14.30 -0.05 2.29
C ALA F 93 -15.33 -1.11 2.60
N ALA F 94 -15.14 -1.82 3.69
CA ALA F 94 -16.09 -2.86 4.06
C ALA F 94 -17.14 -2.26 5.01
N THR F 95 -16.74 -1.31 5.83
CA THR F 95 -17.68 -0.66 6.74
C THR F 95 -18.58 0.28 5.92
N GLU F 96 -18.03 0.82 4.85
CA GLU F 96 -18.73 1.71 3.94
C GLU F 96 -19.78 0.93 3.10
N ASN F 97 -19.38 -0.24 2.60
CA ASN F 97 -20.28 -1.07 1.77
C ASN F 97 -21.26 -1.98 2.51
N TRP F 98 -21.19 -2.00 3.84
CA TRP F 98 -22.06 -2.83 4.64
C TRP F 98 -23.51 -2.45 4.37
N SER F 99 -24.39 -3.43 4.46
CA SER F 99 -25.82 -3.20 4.27
C SER F 99 -26.51 -4.48 4.61
N ILE F 100 -27.83 -4.38 4.72
CA ILE F 100 -28.71 -5.50 5.00
C ILE F 100 -28.48 -6.62 3.98
N GLU F 101 -28.29 -6.24 2.71
CA GLU F 101 -28.11 -7.21 1.63
C GLU F 101 -26.66 -7.62 1.40
N ASN F 102 -25.78 -7.11 2.23
CA ASN F 102 -24.37 -7.40 2.12
C ASN F 102 -23.71 -7.34 3.53
N LEU F 103 -23.98 -8.38 4.33
CA LEU F 103 -23.47 -8.51 5.72
C LEU F 103 -22.01 -8.98 5.83
N PHE F 104 -21.47 -8.90 7.06
CA PHE F 104 -20.11 -9.35 7.37
C PHE F 104 -20.11 -10.86 7.56
N GLU F 105 -19.10 -11.54 7.01
CA GLU F 105 -18.95 -13.00 7.10
C GLU F 105 -17.64 -13.37 7.80
N GLU F 106 -17.37 -14.67 7.99
CA GLU F 106 -16.12 -15.07 8.66
C GLU F 106 -14.92 -14.41 7.97
N LYS F 107 -13.95 -13.99 8.77
CA LYS F 107 -12.74 -13.36 8.28
C LYS F 107 -11.59 -14.11 8.96
N GLN F 108 -10.64 -14.60 8.18
CA GLN F 108 -9.54 -15.39 8.72
C GLN F 108 -8.71 -14.73 9.81
N ASN F 109 -8.40 -13.46 9.64
CA ASN F 109 -7.59 -12.81 10.63
C ASN F 109 -8.41 -12.11 11.75
N ASP F 110 -9.69 -12.43 11.89
CA ASP F 110 -10.49 -11.82 12.95
C ASP F 110 -9.98 -12.16 14.34
N THR F 111 -9.72 -11.11 15.12
CA THR F 111 -9.22 -11.23 16.46
C THR F 111 -9.81 -12.34 17.31
N ALA F 112 -11.13 -12.33 17.46
CA ALA F 112 -11.80 -13.30 18.32
C ALA F 112 -12.70 -14.33 17.67
N ASP F 113 -12.83 -15.50 18.31
CA ASP F 113 -13.70 -16.55 17.80
C ASP F 113 -15.13 -16.28 18.24
N ILE F 114 -15.26 -15.97 19.52
CA ILE F 114 -16.57 -15.68 20.09
C ILE F 114 -16.42 -14.41 20.88
N LEU F 115 -17.48 -13.61 20.90
CA LEU F 115 -17.44 -12.36 21.62
C LEU F 115 -18.60 -12.40 22.59
N LEU F 116 -18.34 -12.11 23.86
CA LEU F 116 -19.41 -12.11 24.87
C LEU F 116 -19.55 -10.70 25.48
N VAL F 117 -20.72 -10.07 25.28
CA VAL F 117 -20.94 -8.71 25.78
C VAL F 117 -22.13 -8.57 26.73
N LYS F 118 -21.93 -7.80 27.79
CA LYS F 118 -22.96 -7.59 28.79
C LYS F 118 -22.64 -6.34 29.59
N ASP F 119 -23.59 -5.41 29.66
CA ASP F 119 -23.38 -4.15 30.41
C ASP F 119 -22.17 -3.39 29.86
N GLN F 120 -22.01 -3.39 28.55
CA GLN F 120 -20.92 -2.66 27.93
C GLN F 120 -19.53 -3.28 28.17
N PHE F 121 -19.50 -4.50 28.71
CA PHE F 121 -18.22 -5.19 28.95
C PHE F 121 -18.01 -6.29 27.91
N TYR F 122 -16.84 -6.31 27.29
CA TYR F 122 -16.56 -7.33 26.27
C TYR F 122 -15.54 -8.38 26.67
N GLU F 123 -15.85 -9.64 26.38
CA GLU F 123 -14.93 -10.75 26.62
C GLU F 123 -14.51 -11.34 25.26
N LEU F 124 -13.26 -11.16 24.88
CA LEU F 124 -12.77 -11.70 23.61
C LEU F 124 -12.28 -13.16 23.79
N LEU F 125 -13.09 -14.14 23.39
CA LEU F 125 -12.72 -15.55 23.54
C LEU F 125 -12.10 -16.15 22.27
N ASP F 126 -11.06 -16.94 22.47
CA ASP F 126 -10.33 -17.54 21.37
C ASP F 126 -10.21 -19.01 21.76
N VAL F 127 -10.67 -19.87 20.87
CA VAL F 127 -10.61 -21.30 21.12
C VAL F 127 -9.39 -21.93 20.48
N LYS F 128 -8.63 -22.68 21.26
CA LYS F 128 -7.45 -23.32 20.72
C LYS F 128 -7.66 -24.83 20.74
N THR F 129 -7.45 -25.51 19.61
CA THR F 129 -7.61 -26.96 19.64
C THR F 129 -6.24 -27.63 19.62
N ARG F 130 -6.13 -28.74 20.34
CA ARG F 130 -4.86 -29.45 20.48
C ARG F 130 -5.00 -30.96 20.37
N ASN F 131 -4.15 -31.55 19.54
CA ASN F 131 -4.10 -32.99 19.33
C ASN F 131 -3.14 -33.55 20.37
N ILE F 132 -3.66 -34.32 21.31
CA ILE F 132 -2.88 -34.90 22.42
C ILE F 132 -2.01 -36.10 22.05
N SER F 133 -2.43 -36.84 21.04
CA SER F 133 -1.69 -38.02 20.61
C SER F 133 -0.20 -37.75 20.59
N LYS F 134 0.15 -36.48 20.44
CA LYS F 134 1.55 -36.10 20.37
C LYS F 134 1.87 -34.89 21.22
N SER F 135 3.16 -34.61 21.39
CA SER F 135 3.58 -33.45 22.16
C SER F 135 4.19 -32.43 21.22
N ALA F 136 3.37 -31.49 20.77
CA ALA F 136 3.75 -30.44 19.84
C ALA F 136 4.20 -29.16 20.52
N GLN F 137 4.51 -28.17 19.70
CA GLN F 137 4.93 -26.87 20.20
C GLN F 137 3.71 -26.05 20.64
N ALA F 138 3.94 -25.04 21.46
CA ALA F 138 2.82 -24.21 21.90
C ALA F 138 2.23 -23.52 20.65
N PRO F 139 0.90 -23.36 20.62
CA PRO F 139 0.23 -22.71 19.47
C PRO F 139 0.27 -21.21 19.55
N ASN F 140 0.00 -20.60 18.40
CA ASN F 140 -0.07 -19.15 18.26
C ASN F 140 -1.25 -18.64 19.12
N ILE F 141 -0.97 -17.66 19.98
CA ILE F 141 -2.02 -17.13 20.83
C ILE F 141 -2.58 -15.84 20.27
N ILE F 142 -1.71 -14.84 20.07
CA ILE F 142 -2.07 -13.55 19.50
C ILE F 142 -0.81 -12.88 19.04
N SER F 143 -0.96 -11.95 18.10
CA SER F 143 0.20 -11.22 17.62
C SER F 143 0.75 -10.44 18.78
N ALA F 144 2.06 -10.53 18.99
CA ALA F 144 2.68 -9.80 20.07
C ALA F 144 2.58 -8.30 19.74
N TYR F 145 2.59 -8.01 18.43
CA TYR F 145 2.48 -6.64 17.95
C TYR F 145 1.04 -6.13 18.12
N LYS F 146 0.05 -6.86 17.62
CA LYS F 146 -1.31 -6.42 17.81
C LYS F 146 -1.51 -6.11 19.30
N LEU F 147 -1.05 -6.99 20.18
CA LEU F 147 -1.23 -6.82 21.65
C LEU F 147 -0.55 -5.54 22.14
N ALA F 148 0.62 -5.29 21.56
CA ALA F 148 1.43 -4.11 21.86
C ALA F 148 0.62 -2.86 21.51
N GLN F 149 -0.09 -2.91 20.39
CA GLN F 149 -0.89 -1.78 19.97
C GLN F 149 -2.11 -1.63 20.86
N THR F 150 -2.68 -2.75 21.26
CA THR F 150 -3.84 -2.70 22.14
C THR F 150 -3.48 -2.02 23.46
N CYS F 151 -2.37 -2.44 24.07
CA CYS F 151 -1.96 -1.83 25.32
C CYS F 151 -1.75 -0.36 25.14
N ALA F 152 -1.00 0.03 24.10
CA ALA F 152 -0.75 1.45 23.89
C ALA F 152 -2.05 2.25 23.88
N LYS F 153 -3.03 1.79 23.12
CA LYS F 153 -4.32 2.48 23.02
C LYS F 153 -5.07 2.43 24.34
N MET F 154 -4.91 1.34 25.08
CA MET F 154 -5.59 1.24 26.37
C MET F 154 -5.12 2.37 27.25
N ILE F 155 -3.84 2.70 27.12
CA ILE F 155 -3.20 3.76 27.89
C ILE F 155 -3.56 5.16 27.41
N ASP F 156 -3.55 5.35 26.10
CA ASP F 156 -3.87 6.66 25.56
C ASP F 156 -5.31 7.05 25.83
N ASN F 157 -6.20 6.06 25.96
CA ASN F 157 -7.61 6.32 26.17
C ASN F 157 -8.13 5.96 27.55
N LYS F 158 -7.22 5.54 28.43
CA LYS F 158 -7.61 5.16 29.78
C LYS F 158 -8.72 4.09 29.77
N GLU F 159 -8.69 3.16 28.80
CA GLU F 159 -9.71 2.11 28.78
C GLU F 159 -9.12 0.86 29.41
N PHE F 160 -9.16 0.79 30.74
CA PHE F 160 -8.60 -0.33 31.47
C PHE F 160 -9.63 -1.21 32.13
N ASP F 161 -10.91 -1.03 31.82
CA ASP F 161 -11.97 -1.84 32.42
C ASP F 161 -13.04 -2.17 31.39
N LEU F 162 -12.67 -2.10 30.11
CA LEU F 162 -13.62 -2.34 29.03
C LEU F 162 -13.71 -3.76 28.48
N PHE F 163 -12.59 -4.47 28.44
CA PHE F 163 -12.58 -5.82 27.88
C PHE F 163 -11.44 -6.71 28.41
N ASP F 164 -11.62 -8.02 28.18
CA ASP F 164 -10.68 -9.07 28.57
C ASP F 164 -10.42 -10.02 27.36
N ILE F 165 -9.25 -10.65 27.31
CA ILE F 165 -8.89 -11.56 26.22
C ILE F 165 -8.63 -12.93 26.83
N ASN F 166 -9.58 -13.84 26.67
CA ASN F 166 -9.46 -15.17 27.26
C ASN F 166 -9.31 -16.34 26.27
N TYR F 167 -8.78 -17.45 26.76
CA TYR F 167 -8.52 -18.60 25.91
C TYR F 167 -9.06 -19.88 26.47
N LEU F 168 -9.66 -20.66 25.60
CA LEU F 168 -10.22 -21.94 25.99
C LEU F 168 -9.55 -23.00 25.10
N GLU F 169 -8.90 -23.95 25.74
CA GLU F 169 -8.23 -25.01 25.02
C GLU F 169 -9.04 -26.29 25.12
N VAL F 170 -9.13 -27.01 24.01
CA VAL F 170 -9.84 -28.27 24.02
C VAL F 170 -8.98 -29.32 23.29
N ASP F 171 -8.56 -30.32 24.07
CA ASP F 171 -7.70 -31.39 23.59
C ASP F 171 -8.52 -32.53 23.03
N TRP F 172 -8.11 -33.03 21.86
CA TRP F 172 -8.86 -34.10 21.26
C TRP F 172 -7.92 -35.24 20.99
N GLU F 173 -8.53 -36.38 20.72
CA GLU F 173 -7.79 -37.58 20.48
C GLU F 173 -8.50 -38.35 19.40
N LEU F 174 -7.75 -39.13 18.65
CA LEU F 174 -8.30 -39.93 17.57
C LEU F 174 -8.85 -41.26 18.08
N ASN F 175 -10.00 -41.65 17.56
CA ASN F 175 -10.60 -42.91 17.96
C ASN F 175 -11.45 -43.43 16.81
N GLY F 176 -10.79 -44.14 15.90
CA GLY F 176 -11.48 -44.68 14.74
C GLY F 176 -11.66 -43.68 13.62
N GLU F 177 -12.90 -43.43 13.23
CA GLU F 177 -13.15 -42.49 12.16
C GLU F 177 -13.64 -41.15 12.68
N ASP F 178 -13.20 -40.77 13.88
CA ASP F 178 -13.61 -39.50 14.47
C ASP F 178 -12.68 -38.99 15.60
N LEU F 179 -12.82 -37.72 15.93
CA LEU F 179 -11.98 -37.11 16.97
C LEU F 179 -12.76 -36.95 18.27
N VAL F 180 -12.17 -37.32 19.39
CA VAL F 180 -12.88 -37.18 20.66
C VAL F 180 -12.21 -36.26 21.69
N CYS F 181 -12.99 -35.34 22.26
CA CYS F 181 -12.47 -34.43 23.28
C CYS F 181 -12.10 -35.25 24.49
N VAL F 182 -10.96 -34.93 25.09
CA VAL F 182 -10.51 -35.65 26.27
C VAL F 182 -10.30 -34.69 27.44
N SER F 183 -9.88 -33.46 27.13
CA SER F 183 -9.67 -32.46 28.17
C SER F 183 -10.03 -31.07 27.70
N THR F 184 -9.87 -30.13 28.62
CA THR F 184 -10.18 -28.73 28.40
C THR F 184 -9.43 -27.88 29.43
N SER F 185 -9.30 -26.59 29.19
CA SER F 185 -8.63 -25.72 30.14
C SER F 185 -8.87 -24.25 29.80
N PHE F 186 -9.07 -23.45 30.84
CA PHE F 186 -9.34 -22.03 30.66
C PHE F 186 -8.25 -21.16 31.27
N ALA F 187 -8.04 -19.99 30.69
CA ALA F 187 -7.04 -19.05 31.18
C ALA F 187 -7.30 -17.64 30.60
N GLU F 188 -6.99 -16.63 31.41
CA GLU F 188 -7.18 -15.23 31.06
C GLU F 188 -5.84 -14.58 30.75
N LEU F 189 -5.77 -13.82 29.66
CA LEU F 189 -4.49 -13.22 29.34
C LEU F 189 -4.01 -12.25 30.41
N PHE F 190 -4.90 -11.36 30.85
CA PHE F 190 -4.53 -10.32 31.84
C PHE F 190 -4.26 -10.77 33.28
N LYS F 191 -4.39 -12.08 33.52
CA LYS F 191 -4.14 -12.72 34.84
C LYS F 191 -2.71 -13.30 34.88
N SER F 192 -2.10 -13.47 33.71
CA SER F 192 -0.76 -14.03 33.66
C SER F 192 0.28 -12.91 33.79
N GLU F 193 1.51 -13.30 34.09
CA GLU F 193 2.61 -12.39 34.25
C GLU F 193 3.05 -11.91 32.85
N PRO F 194 2.71 -10.67 32.51
CA PRO F 194 3.06 -10.10 31.21
C PRO F 194 4.52 -10.21 30.79
N SER F 195 5.43 -10.08 31.74
CA SER F 195 6.85 -10.14 31.38
C SER F 195 7.36 -11.53 31.07
N GLU F 196 6.52 -12.54 31.19
CA GLU F 196 6.92 -13.91 30.93
C GLU F 196 6.32 -14.52 29.66
N LEU F 197 5.50 -13.76 28.93
CA LEU F 197 4.90 -14.29 27.71
C LEU F 197 5.98 -14.50 26.65
N TYR F 198 6.03 -15.68 26.06
CA TYR F 198 7.04 -15.92 25.04
C TYR F 198 6.58 -15.42 23.68
N ILE F 199 7.42 -14.60 23.06
CA ILE F 199 7.10 -14.05 21.76
C ILE F 199 7.84 -14.75 20.65
N ASN F 200 7.13 -15.54 19.86
CA ASN F 200 7.80 -16.19 18.75
C ASN F 200 7.77 -15.21 17.58
N TRP F 201 8.90 -14.53 17.34
CA TRP F 201 8.96 -13.55 16.25
C TRP F 201 8.73 -14.11 14.83
N ALA F 202 9.37 -15.21 14.52
CA ALA F 202 9.24 -15.85 13.22
C ALA F 202 7.80 -16.28 12.93
N ALA F 203 7.18 -16.89 13.93
CA ALA F 203 5.81 -17.39 13.81
C ALA F 203 4.79 -16.25 13.94
N ALA F 204 4.90 -15.31 12.99
CA ALA F 204 4.02 -14.13 12.91
C ALA F 204 3.99 -13.27 14.19
N MET F 205 5.17 -13.08 14.79
CA MET F 205 5.34 -12.31 16.02
C MET F 205 4.29 -12.69 17.04
N GLN F 206 3.90 -13.96 17.02
CA GLN F 206 2.87 -14.48 17.89
C GLN F 206 3.30 -14.88 19.29
N ILE F 207 2.45 -14.58 20.27
CA ILE F 207 2.72 -14.99 21.62
C ILE F 207 2.34 -16.46 21.62
N GLN F 208 3.12 -17.30 22.27
CA GLN F 208 2.80 -18.73 22.29
C GLN F 208 2.80 -19.34 23.68
N PHE F 209 1.84 -20.25 23.91
CA PHE F 209 1.78 -21.01 25.17
C PHE F 209 0.66 -22.00 25.11
N HIS F 210 0.80 -23.10 25.83
CA HIS F 210 -0.31 -24.03 25.89
C HIS F 210 -1.13 -23.48 27.06
N VAL F 211 -2.44 -23.33 26.85
CA VAL F 211 -3.34 -22.79 27.88
C VAL F 211 -3.21 -23.44 29.24
N ARG F 212 -3.19 -24.77 29.26
CA ARG F 212 -3.09 -25.51 30.50
C ARG F 212 -1.82 -25.19 31.31
N ASP F 213 -0.83 -24.55 30.71
CA ASP F 213 0.39 -24.23 31.44
C ASP F 213 0.44 -22.81 31.92
N LEU F 214 -0.25 -21.91 31.24
CA LEU F 214 -0.21 -20.51 31.62
C LEU F 214 -0.39 -20.26 33.11
N ASP F 215 0.28 -19.23 33.62
CA ASP F 215 0.19 -18.85 35.04
C ASP F 215 -0.95 -17.85 35.17
N GLN F 216 -1.50 -17.71 36.37
CA GLN F 216 -2.63 -16.81 36.58
C GLN F 216 -2.53 -16.04 37.88
N GLY F 217 -1.30 -15.71 38.30
CA GLY F 217 -1.15 -15.01 39.56
C GLY F 217 -0.83 -13.54 39.52
N PHE F 218 -0.95 -12.90 38.36
CA PHE F 218 -0.69 -11.46 38.26
C PHE F 218 -1.60 -10.76 39.25
N ASN F 219 -1.02 -9.88 40.06
CA ASN F 219 -1.77 -9.17 41.08
C ASN F 219 -1.60 -7.64 41.08
N GLY F 220 -1.69 -7.01 39.91
CA GLY F 220 -1.56 -5.57 39.82
C GLY F 220 -2.74 -5.01 39.06
N THR F 221 -2.66 -3.77 38.61
CA THR F 221 -3.78 -3.22 37.86
C THR F 221 -3.66 -3.51 36.36
N ARG F 222 -4.76 -3.35 35.63
CA ARG F 222 -4.72 -3.61 34.21
C ARG F 222 -3.72 -2.66 33.54
N GLU F 223 -3.64 -1.43 34.07
CA GLU F 223 -2.73 -0.41 33.55
C GLU F 223 -1.26 -0.78 33.74
N GLU F 224 -0.98 -1.51 34.82
CA GLU F 224 0.38 -1.96 35.10
C GLU F 224 0.68 -3.12 34.18
N TRP F 225 -0.34 -3.95 33.91
CA TRP F 225 -0.17 -5.09 33.02
C TRP F 225 0.24 -4.56 31.64
N ALA F 226 -0.50 -3.56 31.16
CA ALA F 226 -0.20 -2.99 29.86
C ALA F 226 1.23 -2.48 29.83
N LYS F 227 1.51 -1.48 30.68
CA LYS F 227 2.84 -0.87 30.76
C LYS F 227 3.94 -1.91 30.87
N SER F 228 3.67 -2.96 31.63
CA SER F 228 4.67 -3.99 31.81
C SER F 228 4.86 -4.79 30.51
N TYR F 229 3.77 -5.12 29.83
CA TYR F 229 3.88 -5.89 28.59
C TYR F 229 4.71 -5.15 27.54
N LEU F 230 4.48 -3.85 27.43
CA LEU F 230 5.16 -2.96 26.48
C LEU F 230 6.69 -2.94 26.69
N LYS F 231 7.11 -3.06 27.96
CA LYS F 231 8.53 -3.06 28.23
C LYS F 231 9.11 -4.41 27.77
N HIS F 232 8.39 -5.48 28.06
CA HIS F 232 8.81 -6.81 27.63
C HIS F 232 8.86 -6.81 26.09
N PHE F 233 7.79 -6.35 25.44
CA PHE F 233 7.73 -6.27 23.98
C PHE F 233 8.95 -5.52 23.42
N VAL F 234 9.22 -4.32 23.91
CA VAL F 234 10.35 -3.55 23.41
C VAL F 234 11.68 -4.28 23.57
N THR F 235 11.91 -4.81 24.76
CA THR F 235 13.13 -5.54 25.04
C THR F 235 13.35 -6.65 24.02
N GLN F 236 12.42 -7.59 23.94
CA GLN F 236 12.54 -8.70 23.01
C GLN F 236 12.72 -8.25 21.56
N ALA F 237 12.12 -7.11 21.20
CA ALA F 237 12.25 -6.63 19.84
C ALA F 237 13.70 -6.26 19.61
N GLU F 238 14.38 -5.78 20.64
CA GLU F 238 15.78 -5.40 20.52
C GLU F 238 16.63 -6.68 20.45
N GLN F 239 16.33 -7.62 21.33
CA GLN F 239 17.03 -8.90 21.38
C GLN F 239 16.89 -9.62 20.04
N ARG F 240 15.67 -9.67 19.51
CA ARG F 240 15.46 -10.32 18.22
C ARG F 240 16.31 -9.66 17.12
N ALA F 241 16.26 -8.33 17.07
CA ALA F 241 17.04 -7.58 16.07
C ALA F 241 18.53 -7.95 16.13
N ILE F 242 19.06 -8.13 17.33
CA ILE F 242 20.46 -8.47 17.48
C ILE F 242 20.75 -9.94 17.17
N SER F 243 19.86 -10.84 17.58
CA SER F 243 20.06 -12.26 17.31
C SER F 243 19.92 -12.56 15.81
N MET F 244 19.02 -11.83 15.13
CA MET F 244 18.80 -12.02 13.70
C MET F 244 20.12 -11.93 12.95
N ILE F 245 20.98 -11.03 13.39
CA ILE F 245 22.27 -10.87 12.76
C ILE F 245 23.08 -12.12 12.97
N ASP F 246 23.14 -12.57 14.21
CA ASP F 246 23.92 -13.75 14.50
C ASP F 246 23.47 -15.06 13.84
N LYS F 247 22.17 -15.22 13.64
CA LYS F 247 21.66 -16.45 13.04
C LYS F 247 21.40 -16.44 11.53
N PHE F 248 21.07 -15.27 10.98
CA PHE F 248 20.75 -15.17 9.57
C PHE F 248 21.79 -14.44 8.75
N VAL F 249 22.66 -13.69 9.41
CA VAL F 249 23.70 -12.97 8.68
C VAL F 249 25.08 -13.59 8.83
N LYS F 250 25.62 -13.60 10.05
CA LYS F 250 26.96 -14.14 10.28
C LYS F 250 27.26 -15.48 9.61
N PRO F 251 26.45 -16.50 9.90
CA PRO F 251 26.75 -17.79 9.27
C PRO F 251 26.61 -17.86 7.75
N PHE F 252 26.34 -16.74 7.10
CA PHE F 252 26.19 -16.77 5.64
C PHE F 252 27.06 -15.76 4.88
N LYS F 253 27.86 -14.99 5.61
CA LYS F 253 28.73 -14.00 4.99
C LYS F 253 29.82 -14.62 4.10
N LYS F 254 30.34 -15.77 4.50
CA LYS F 254 31.39 -16.44 3.74
C LYS F 254 30.99 -16.84 2.31
N TYR F 255 29.75 -16.54 1.93
CA TYR F 255 29.26 -16.85 0.60
C TYR F 255 29.14 -15.56 -0.23
N ILE F 256 29.47 -14.43 0.38
CA ILE F 256 29.37 -13.15 -0.33
C ILE F 256 30.71 -12.58 -0.78
N SER G 1 -14.10 31.81 13.88
CA SER G 1 -14.55 32.04 12.47
C SER G 1 -15.76 32.97 12.38
N PHE G 2 -15.81 33.75 11.30
CA PHE G 2 -16.93 34.67 11.06
C PHE G 2 -18.07 33.96 10.35
N ILE G 3 -17.74 33.07 9.42
CA ILE G 3 -18.75 32.33 8.66
C ILE G 3 -19.30 31.11 9.37
N LYS G 4 -18.54 30.56 10.32
CA LYS G 4 -18.94 29.38 11.07
C LYS G 4 -20.40 29.43 11.56
N PRO G 5 -20.78 30.53 12.24
CA PRO G 5 -22.16 30.68 12.75
C PRO G 5 -23.14 30.74 11.59
N ILE G 6 -22.64 31.09 10.41
CA ILE G 6 -23.50 31.19 9.23
C ILE G 6 -23.33 30.00 8.30
N TYR G 7 -22.45 29.07 8.66
CA TYR G 7 -22.18 27.90 7.85
C TYR G 7 -23.43 27.07 7.58
N GLN G 8 -24.21 26.80 8.62
CA GLN G 8 -25.42 26.00 8.51
C GLN G 8 -26.27 26.43 7.31
N ASP G 9 -26.48 27.72 7.16
CA ASP G 9 -27.28 28.22 6.04
C ASP G 9 -26.51 28.03 4.73
N ILE G 10 -25.22 28.34 4.76
CA ILE G 10 -24.36 28.21 3.59
C ILE G 10 -24.54 26.83 2.97
N ASN G 11 -24.41 25.80 3.80
CA ASN G 11 -24.56 24.42 3.35
C ASN G 11 -25.85 24.25 2.54
N SER G 12 -26.93 24.86 3.03
CA SER G 12 -28.21 24.77 2.36
C SER G 12 -28.30 25.61 1.08
N ILE G 13 -27.66 26.77 1.09
CA ILE G 13 -27.65 27.67 -0.08
C ILE G 13 -26.88 27.07 -1.25
N LEU G 14 -25.75 26.43 -0.95
CA LEU G 14 -24.92 25.82 -1.96
C LEU G 14 -25.55 24.54 -2.50
N ILE G 15 -25.75 23.56 -1.62
CA ILE G 15 -26.33 22.29 -2.04
C ILE G 15 -27.54 22.49 -2.94
N GLY G 16 -27.38 22.12 -4.21
CA GLY G 16 -28.47 22.26 -5.16
C GLY G 16 -28.18 23.20 -6.32
N GLN G 17 -27.33 24.19 -6.08
CA GLN G 17 -27.00 25.13 -7.14
C GLN G 17 -26.13 24.44 -8.19
N LYS G 18 -26.45 24.68 -9.45
CA LYS G 18 -25.72 24.08 -10.56
C LYS G 18 -24.95 25.14 -11.34
N VAL G 19 -23.94 24.70 -12.08
CA VAL G 19 -23.13 25.60 -12.90
C VAL G 19 -22.68 24.86 -14.15
N LYS G 20 -22.83 25.50 -15.31
CA LYS G 20 -22.44 24.88 -16.58
C LYS G 20 -20.95 24.52 -16.57
N ALA G 32 -11.96 23.89 -12.79
CA ALA G 32 -13.16 23.05 -12.83
C ALA G 32 -14.35 23.72 -12.14
N GLY G 33 -14.53 23.44 -10.85
CA GLY G 33 -15.64 24.03 -10.13
C GLY G 33 -15.29 25.41 -9.61
N GLU G 34 -14.57 26.18 -10.43
CA GLU G 34 -14.16 27.53 -10.04
C GLU G 34 -15.34 28.41 -9.66
N PRO G 35 -16.44 28.38 -10.45
CA PRO G 35 -17.62 29.20 -10.15
C PRO G 35 -18.21 29.03 -8.75
N PHE G 36 -18.10 27.83 -8.19
CA PHE G 36 -18.63 27.58 -6.86
C PHE G 36 -18.00 28.52 -5.86
N GLU G 37 -16.71 28.81 -6.05
CA GLU G 37 -16.02 29.71 -5.14
C GLU G 37 -16.68 31.07 -5.27
N LYS G 38 -16.98 31.47 -6.51
CA LYS G 38 -17.61 32.75 -6.76
C LYS G 38 -18.99 32.77 -6.13
N LEU G 39 -19.66 31.63 -6.17
CA LEU G 39 -21.00 31.52 -5.62
C LEU G 39 -20.96 31.72 -4.11
N VAL G 40 -19.88 31.27 -3.49
CA VAL G 40 -19.70 31.41 -2.05
C VAL G 40 -19.39 32.86 -1.69
N TYR G 41 -18.64 33.52 -2.57
CA TYR G 41 -18.27 34.92 -2.35
C TYR G 41 -19.52 35.80 -2.45
N LYS G 42 -20.32 35.57 -3.49
CA LYS G 42 -21.54 36.33 -3.71
C LYS G 42 -22.49 36.21 -2.52
N PHE G 43 -22.37 35.12 -1.77
CA PHE G 43 -23.21 34.89 -0.60
C PHE G 43 -22.67 35.63 0.61
N LEU G 44 -21.37 35.48 0.85
CA LEU G 44 -20.71 36.14 1.99
C LEU G 44 -20.81 37.66 1.90
N LYS G 45 -20.76 38.18 0.67
CA LYS G 45 -20.83 39.61 0.45
C LYS G 45 -22.27 40.13 0.59
N GLU G 46 -23.24 39.30 0.23
CA GLU G 46 -24.65 39.67 0.32
C GLU G 46 -25.09 39.76 1.79
N ASN G 47 -24.42 39.01 2.65
CA ASN G 47 -24.72 39.02 4.08
C ASN G 47 -23.70 39.90 4.82
N LEU G 48 -22.58 39.31 5.20
CA LEU G 48 -21.53 40.04 5.92
C LEU G 48 -20.72 40.95 5.00
N SER G 49 -21.43 41.77 4.23
CA SER G 49 -20.81 42.69 3.28
C SER G 49 -19.73 43.56 3.91
N ASP G 50 -19.99 44.04 5.12
CA ASP G 50 -19.04 44.90 5.81
C ASP G 50 -17.71 44.24 6.22
N LEU G 51 -17.47 42.99 5.84
CA LEU G 51 -16.21 42.32 6.19
C LEU G 51 -15.77 41.21 5.25
N THR G 52 -16.30 41.25 4.02
CA THR G 52 -15.97 40.25 2.99
C THR G 52 -15.18 40.87 1.83
N PHE G 53 -13.87 40.69 1.87
CA PHE G 53 -12.97 41.22 0.85
C PHE G 53 -12.26 40.05 0.17
N LYS G 54 -12.08 40.15 -1.14
CA LYS G 54 -11.41 39.10 -1.89
C LYS G 54 -9.91 39.35 -1.97
N GLN G 55 -9.17 38.87 -0.96
CA GLN G 55 -7.71 39.02 -0.90
C GLN G 55 -7.18 40.37 -1.36
N TYR G 56 -7.03 40.54 -2.68
CA TYR G 56 -6.53 41.79 -3.23
C TYR G 56 -7.49 42.93 -2.90
N GLU G 57 -8.79 42.61 -2.85
CA GLU G 57 -9.81 43.60 -2.53
C GLU G 57 -9.40 44.39 -1.31
N TYR G 58 -8.99 43.69 -0.26
CA TYR G 58 -8.57 44.35 0.96
C TYR G 58 -7.29 45.15 0.74
N LEU G 59 -6.31 44.51 0.11
CA LEU G 59 -5.05 45.15 -0.17
C LEU G 59 -5.25 46.47 -0.90
N ASN G 60 -6.06 46.48 -1.95
CA ASN G 60 -6.29 47.70 -2.69
C ASN G 60 -6.97 48.77 -1.83
N ASP G 61 -7.62 48.37 -0.74
CA ASP G 61 -8.29 49.33 0.14
C ASP G 61 -7.31 49.90 1.17
N LEU G 62 -6.47 49.03 1.70
CA LEU G 62 -5.47 49.47 2.68
C LEU G 62 -4.65 50.62 2.13
N PHE G 63 -4.61 50.74 0.81
CA PHE G 63 -3.85 51.80 0.14
C PHE G 63 -4.74 53.00 -0.23
N HIS G 72 5.93 52.99 -1.96
CA HIS G 72 6.84 52.00 -1.40
C HIS G 72 7.26 52.48 -0.01
N GLU G 73 8.09 51.71 0.68
CA GLU G 73 8.57 52.07 2.02
C GLU G 73 7.46 52.06 3.08
N ALA G 74 6.59 53.06 3.00
CA ALA G 74 5.49 53.21 3.94
C ALA G 74 4.48 52.08 3.76
N ARG G 75 4.38 51.58 2.53
CA ARG G 75 3.47 50.49 2.20
C ARG G 75 3.58 49.34 3.18
N TYR G 76 4.77 48.73 3.27
CA TYR G 76 5.01 47.62 4.17
C TYR G 76 4.84 48.05 5.63
N LYS G 77 4.88 49.36 5.87
CA LYS G 77 4.71 49.87 7.22
C LYS G 77 3.24 49.80 7.62
N LEU G 78 2.35 49.94 6.64
CA LEU G 78 0.90 49.88 6.89
C LEU G 78 0.52 48.62 7.65
N PHE G 79 0.97 47.47 7.17
CA PHE G 79 0.69 46.20 7.82
C PHE G 79 1.46 46.20 9.14
N ASN G 80 0.74 46.38 10.24
CA ASN G 80 1.40 46.43 11.54
C ASN G 80 1.64 45.04 12.11
N SER G 81 2.05 44.12 11.25
CA SER G 81 2.33 42.75 11.65
C SER G 81 3.14 42.01 10.59
N PRO G 82 4.36 41.62 10.93
CA PRO G 82 5.21 40.90 9.99
C PRO G 82 4.47 39.69 9.44
N THR G 83 3.77 39.01 10.32
CA THR G 83 3.04 37.83 9.95
C THR G 83 2.06 38.15 8.84
N LEU G 84 1.05 38.94 9.16
CA LEU G 84 0.06 39.31 8.15
C LEU G 84 0.72 39.84 6.89
N LEU G 85 1.83 40.55 7.08
CA LEU G 85 2.60 41.11 5.96
C LEU G 85 3.02 39.97 5.04
N PHE G 86 3.82 39.07 5.58
CA PHE G 86 4.32 37.92 4.84
C PHE G 86 3.23 37.13 4.14
N LEU G 87 2.08 36.98 4.78
CA LEU G 87 0.98 36.20 4.19
C LEU G 87 0.09 36.92 3.18
N LEU G 88 0.05 38.23 3.18
CA LEU G 88 -0.84 38.91 2.24
C LEU G 88 -0.13 39.89 1.32
N SER G 89 1.09 40.25 1.69
CA SER G 89 1.92 41.20 0.94
C SER G 89 2.21 40.78 -0.49
N ARG G 90 2.30 41.75 -1.39
CA ARG G 90 2.59 41.48 -2.79
C ARG G 90 4.08 41.69 -3.08
N GLY G 91 4.42 41.80 -4.35
CA GLY G 91 5.82 42.00 -4.72
C GLY G 91 6.39 43.32 -4.23
N LYS G 92 7.70 43.36 -4.03
CA LYS G 92 8.37 44.57 -3.56
C LYS G 92 8.37 45.66 -4.63
N ALA G 93 7.96 45.29 -5.84
CA ALA G 93 7.90 46.21 -6.96
C ALA G 93 6.45 46.52 -7.29
N ALA G 94 5.59 45.58 -6.93
CA ALA G 94 4.16 45.72 -7.18
C ALA G 94 3.55 46.68 -6.17
N THR G 95 4.02 46.60 -4.92
CA THR G 95 3.51 47.48 -3.88
C THR G 95 4.18 48.85 -3.98
N GLU G 96 5.25 48.95 -4.77
CA GLU G 96 5.95 50.21 -4.95
C GLU G 96 5.40 51.00 -6.13
N ASN G 97 4.65 50.31 -7.01
CA ASN G 97 4.07 50.98 -8.16
C ASN G 97 2.54 50.97 -8.08
N TRP G 98 2.01 51.09 -6.86
CA TRP G 98 0.55 51.10 -6.68
C TRP G 98 0.00 52.53 -6.77
N SER G 99 -1.18 52.66 -7.37
CA SER G 99 -1.83 53.96 -7.53
C SER G 99 -3.22 53.79 -8.13
N ILE G 100 -3.26 53.19 -9.31
CA ILE G 100 -4.51 52.93 -10.01
C ILE G 100 -4.45 51.56 -10.69
N PHE G 104 -4.44 46.92 -7.16
CA PHE G 104 -4.10 45.50 -7.19
C PHE G 104 -5.14 44.64 -7.92
N GLU G 105 -4.71 43.45 -8.33
CA GLU G 105 -5.57 42.50 -9.04
C GLU G 105 -5.38 41.08 -8.45
N GLU G 106 -6.28 40.16 -8.76
CA GLU G 106 -6.18 38.80 -8.24
C GLU G 106 -4.88 38.14 -8.71
N LYS G 107 -4.24 37.37 -7.83
CA LYS G 107 -3.01 36.68 -8.20
C LYS G 107 -3.27 35.19 -8.04
N GLN G 108 -2.63 34.38 -8.89
CA GLN G 108 -2.79 32.93 -8.90
C GLN G 108 -2.20 32.30 -7.65
N ASN G 109 -1.31 33.00 -6.96
CA ASN G 109 -0.72 32.40 -5.77
C ASN G 109 -1.12 33.05 -4.47
N ASP G 110 -2.18 33.86 -4.47
CA ASP G 110 -2.64 34.51 -3.25
C ASP G 110 -3.04 33.46 -2.22
N THR G 111 -2.52 33.61 -1.00
CA THR G 111 -2.80 32.68 0.09
C THR G 111 -4.28 32.32 0.29
N ALA G 112 -5.16 33.32 0.31
CA ALA G 112 -6.59 33.06 0.55
C ALA G 112 -7.54 33.50 -0.57
N ASP G 113 -8.62 32.76 -0.73
CA ASP G 113 -9.63 33.07 -1.76
C ASP G 113 -10.49 34.24 -1.30
N ILE G 114 -10.90 34.18 -0.03
CA ILE G 114 -11.71 35.24 0.54
C ILE G 114 -11.12 35.64 1.89
N LEU G 115 -11.24 36.92 2.21
CA LEU G 115 -10.73 37.45 3.45
C LEU G 115 -11.85 38.14 4.25
N LEU G 116 -12.01 37.73 5.51
CA LEU G 116 -13.04 38.28 6.40
C LEU G 116 -12.40 38.82 7.68
N VAL G 117 -12.61 40.10 7.92
CA VAL G 117 -12.05 40.75 9.11
C VAL G 117 -13.08 41.68 9.77
N LYS G 118 -13.14 41.64 11.10
CA LYS G 118 -14.07 42.49 11.86
C LYS G 118 -13.64 42.60 13.31
N GLN G 120 -10.29 43.46 15.53
CA GLN G 120 -9.29 43.50 14.46
C GLN G 120 -8.72 42.10 14.22
N PHE G 121 -9.60 41.15 13.89
CA PHE G 121 -9.19 39.76 13.62
C PHE G 121 -9.32 39.45 12.13
N TYR G 122 -8.46 38.56 11.63
CA TYR G 122 -8.47 38.20 10.22
C TYR G 122 -8.76 36.72 9.94
N GLU G 123 -9.66 36.49 8.98
CA GLU G 123 -10.02 35.14 8.58
C GLU G 123 -9.68 34.89 7.10
N LEU G 124 -8.60 34.14 6.86
CA LEU G 124 -8.19 33.83 5.49
C LEU G 124 -8.86 32.52 5.06
N LEU G 125 -9.97 32.65 4.34
CA LEU G 125 -10.72 31.49 3.89
C LEU G 125 -10.23 31.01 2.53
N ASP G 126 -10.07 29.70 2.41
CA ASP G 126 -9.62 29.08 1.16
C ASP G 126 -10.63 28.01 0.76
N VAL G 127 -11.34 28.22 -0.35
CA VAL G 127 -12.33 27.25 -0.82
C VAL G 127 -11.69 26.03 -1.52
N LYS G 128 -12.36 24.89 -1.45
CA LYS G 128 -11.87 23.68 -2.11
C LYS G 128 -13.03 23.03 -2.83
N THR G 129 -12.80 22.54 -4.05
CA THR G 129 -13.86 21.89 -4.80
C THR G 129 -13.47 20.46 -5.10
N ARG G 130 -14.37 19.53 -4.87
CA ARG G 130 -14.08 18.12 -5.13
C ARG G 130 -15.13 17.45 -5.98
N ASN G 131 -14.69 16.58 -6.89
CA ASN G 131 -15.62 15.84 -7.74
C ASN G 131 -15.92 14.52 -7.04
N ILE G 132 -16.81 14.57 -6.06
CA ILE G 132 -17.19 13.41 -5.25
C ILE G 132 -17.48 12.14 -6.06
N SER G 133 -17.80 12.33 -7.33
CA SER G 133 -18.11 11.20 -8.20
C SER G 133 -16.91 10.28 -8.49
N LYS G 134 -15.80 10.47 -7.78
CA LYS G 134 -14.61 9.63 -7.96
C LYS G 134 -13.67 9.75 -6.77
N SER G 135 -13.21 8.62 -6.23
CA SER G 135 -12.31 8.63 -5.09
C SER G 135 -10.94 9.16 -5.49
N ALA G 136 -10.65 10.39 -5.07
CA ALA G 136 -9.38 11.01 -5.43
C ALA G 136 -8.51 11.31 -4.23
N GLN G 137 -7.23 11.50 -4.51
CA GLN G 137 -6.25 11.80 -3.47
C GLN G 137 -6.61 13.12 -2.75
N ALA G 138 -6.02 13.35 -1.57
CA ALA G 138 -6.27 14.59 -0.84
C ALA G 138 -5.61 15.72 -1.63
N PRO G 139 -6.34 16.81 -1.89
CA PRO G 139 -5.85 17.96 -2.64
C PRO G 139 -4.86 18.82 -1.87
N ASN G 140 -4.24 19.76 -2.57
CA ASN G 140 -3.28 20.66 -1.96
C ASN G 140 -4.01 21.67 -1.09
N ILE G 141 -3.64 21.75 0.19
CA ILE G 141 -4.26 22.69 1.11
C ILE G 141 -3.49 24.01 1.03
N ILE G 142 -2.26 23.98 1.54
CA ILE G 142 -1.32 25.11 1.52
C ILE G 142 0.11 24.57 1.56
N SER G 143 1.06 25.45 1.28
CA SER G 143 2.47 25.09 1.26
C SER G 143 2.97 24.84 2.69
N ALA G 144 3.74 23.77 2.85
CA ALA G 144 4.30 23.42 4.15
C ALA G 144 5.40 24.42 4.48
N TYR G 145 6.17 24.78 3.47
CA TYR G 145 7.25 25.75 3.63
C TYR G 145 6.65 27.09 4.02
N LYS G 146 5.54 27.48 3.38
CA LYS G 146 4.90 28.76 3.71
C LYS G 146 4.37 28.75 5.14
N LEU G 147 3.78 27.61 5.53
CA LEU G 147 3.24 27.45 6.86
C LEU G 147 4.37 27.47 7.91
N ALA G 148 5.56 27.00 7.51
CA ALA G 148 6.72 26.98 8.41
C ALA G 148 7.19 28.41 8.66
N GLN G 149 7.14 29.22 7.61
CA GLN G 149 7.55 30.61 7.72
C GLN G 149 6.49 31.34 8.51
N THR G 150 5.22 31.01 8.28
CA THR G 150 4.13 31.66 8.99
C THR G 150 4.20 31.43 10.50
N CYS G 151 4.72 30.26 10.88
CA CYS G 151 4.85 29.92 12.28
C CYS G 151 6.06 30.61 12.89
N ALA G 152 7.16 30.60 12.15
CA ALA G 152 8.39 31.24 12.61
C ALA G 152 8.10 32.70 12.97
N LYS G 153 7.51 33.42 12.02
CA LYS G 153 7.15 34.83 12.23
C LYS G 153 6.19 34.99 13.41
N MET G 154 5.22 34.09 13.54
CA MET G 154 4.26 34.13 14.64
C MET G 154 4.94 34.08 16.00
N ILE G 155 5.92 33.19 16.13
CA ILE G 155 6.64 33.03 17.40
C ILE G 155 7.64 34.17 17.66
N ASP G 156 8.19 34.75 16.60
CA ASP G 156 9.15 35.84 16.73
C ASP G 156 8.55 37.16 17.19
N ASN G 157 7.40 37.53 16.65
CA ASN G 157 6.75 38.77 17.05
C ASN G 157 5.54 38.53 17.95
N LYS G 158 5.43 37.32 18.48
CA LYS G 158 4.33 36.98 19.39
C LYS G 158 2.94 37.42 18.90
N GLU G 159 2.55 36.96 17.72
CA GLU G 159 1.24 37.27 17.14
C GLU G 159 0.38 35.99 17.10
N PHE G 160 0.23 35.36 18.26
CA PHE G 160 -0.53 34.13 18.38
C PHE G 160 -2.02 34.37 18.34
N ASP G 161 -2.39 35.61 18.06
CA ASP G 161 -3.77 36.00 17.99
C ASP G 161 -3.88 37.19 17.04
N LEU G 162 -4.53 36.97 15.89
CA LEU G 162 -4.71 38.01 14.88
C LEU G 162 -5.39 37.48 13.63
N PHE G 163 -5.00 36.28 13.20
CA PHE G 163 -5.57 35.68 11.99
C PHE G 163 -5.89 34.19 12.16
N ASP G 164 -6.72 33.67 11.27
CA ASP G 164 -7.06 32.25 11.24
C ASP G 164 -7.06 31.74 9.79
N ILE G 165 -6.62 30.51 9.61
CA ILE G 165 -6.57 29.89 8.28
C ILE G 165 -7.57 28.73 8.25
N ASN G 166 -8.75 28.99 7.68
CA ASN G 166 -9.82 28.00 7.60
C ASN G 166 -10.13 27.59 6.16
N TYR G 167 -10.69 26.40 6.01
CA TYR G 167 -11.02 25.85 4.70
C TYR G 167 -12.47 25.42 4.54
N LEU G 168 -13.02 25.61 3.35
CA LEU G 168 -14.41 25.23 3.09
C LEU G 168 -14.51 24.37 1.83
N GLU G 169 -14.84 23.10 2.03
CA GLU G 169 -14.98 22.13 0.93
C GLU G 169 -16.37 22.18 0.29
N VAL G 170 -16.39 22.14 -1.04
CA VAL G 170 -17.63 22.16 -1.79
C VAL G 170 -17.60 20.98 -2.76
N ASP G 171 -18.29 19.91 -2.42
CA ASP G 171 -18.30 18.74 -3.27
C ASP G 171 -19.33 18.96 -4.38
N TRP G 172 -18.94 18.67 -5.62
CA TRP G 172 -19.84 18.83 -6.77
C TRP G 172 -19.93 17.52 -7.52
N GLU G 173 -21.05 17.35 -8.21
CA GLU G 173 -21.33 16.14 -8.96
C GLU G 173 -21.93 16.56 -10.29
N LEU G 174 -21.54 15.89 -11.36
CA LEU G 174 -22.07 16.24 -12.68
C LEU G 174 -23.47 15.69 -12.90
N ASN G 175 -24.43 16.59 -13.04
CA ASN G 175 -25.80 16.16 -13.27
C ASN G 175 -26.27 16.79 -14.57
N GLY G 176 -26.64 15.93 -15.51
CA GLY G 176 -27.09 16.41 -16.81
C GLY G 176 -25.93 17.04 -17.55
N GLU G 177 -25.87 18.36 -17.53
CA GLU G 177 -24.79 19.05 -18.20
C GLU G 177 -24.27 20.21 -17.33
N ASP G 178 -24.81 20.32 -16.13
CA ASP G 178 -24.41 21.37 -15.20
C ASP G 178 -23.81 20.70 -13.98
N LEU G 179 -22.85 21.37 -13.35
CA LEU G 179 -22.21 20.84 -12.16
C LEU G 179 -23.03 21.28 -10.94
N VAL G 180 -23.59 20.32 -10.21
CA VAL G 180 -24.38 20.65 -9.04
C VAL G 180 -23.61 20.30 -7.79
N CYS G 181 -23.94 20.98 -6.69
CA CYS G 181 -23.30 20.76 -5.42
C CYS G 181 -24.12 19.71 -4.68
N VAL G 182 -23.48 18.92 -3.83
CA VAL G 182 -24.19 17.89 -3.11
C VAL G 182 -23.84 17.85 -1.63
N SER G 183 -22.72 18.46 -1.28
CA SER G 183 -22.31 18.49 0.10
C SER G 183 -21.22 19.53 0.33
N THR G 184 -21.02 19.89 1.59
CA THR G 184 -20.05 20.89 1.96
C THR G 184 -19.39 20.50 3.25
N SER G 185 -18.18 21.01 3.47
CA SER G 185 -17.42 20.74 4.68
C SER G 185 -16.72 22.01 5.14
N PHE G 186 -16.41 22.08 6.42
CA PHE G 186 -15.74 23.24 6.99
C PHE G 186 -14.78 22.81 8.06
N ALA G 187 -13.53 23.25 7.96
CA ALA G 187 -12.53 22.88 8.95
C ALA G 187 -11.58 24.04 9.20
N GLU G 188 -11.07 24.11 10.41
CA GLU G 188 -10.15 25.17 10.78
C GLU G 188 -8.74 24.59 10.99
N LEU G 189 -7.80 24.99 10.13
CA LEU G 189 -6.43 24.49 10.20
C LEU G 189 -5.91 24.42 11.61
N PHE G 190 -5.88 25.55 12.29
CA PHE G 190 -5.37 25.63 13.64
C PHE G 190 -6.13 24.86 14.70
N LYS G 191 -6.94 23.88 14.29
CA LYS G 191 -7.67 23.07 15.25
C LYS G 191 -7.27 21.60 15.19
N SER G 192 -6.55 21.23 14.13
CA SER G 192 -6.09 19.86 13.94
C SER G 192 -4.75 19.58 14.61
N GLU G 193 -4.29 18.34 14.55
CA GLU G 193 -3.01 18.01 15.14
C GLU G 193 -1.89 18.33 14.17
N PRO G 194 -1.19 19.44 14.41
CA PRO G 194 -0.09 19.85 13.53
C PRO G 194 0.94 18.75 13.25
N SER G 195 1.26 17.96 14.26
CA SER G 195 2.23 16.90 14.10
C SER G 195 1.70 15.80 13.17
N GLU G 196 0.40 15.86 12.89
CA GLU G 196 -0.21 14.86 12.03
C GLU G 196 -0.16 15.23 10.54
N LEU G 197 -0.57 16.45 10.21
CA LEU G 197 -0.58 16.94 8.83
C LEU G 197 0.46 16.31 7.89
N TYR G 198 0.02 15.83 6.72
CA TYR G 198 0.95 15.22 5.78
C TYR G 198 1.51 16.24 4.81
N ILE G 199 2.81 16.16 4.60
CA ILE G 199 3.50 17.06 3.69
C ILE G 199 3.96 16.35 2.43
N ASN G 200 3.44 16.76 1.29
CA ASN G 200 3.81 16.16 0.01
C ASN G 200 4.84 17.05 -0.68
N TRP G 201 6.12 16.76 -0.44
CA TRP G 201 7.23 17.53 -1.01
C TRP G 201 7.14 17.78 -2.51
N ALA G 202 6.94 16.70 -3.28
CA ALA G 202 6.83 16.79 -4.73
C ALA G 202 5.57 17.58 -5.17
N ALA G 203 4.48 17.46 -4.45
CA ALA G 203 3.28 18.20 -4.85
C ALA G 203 3.35 19.64 -4.34
N ALA G 204 4.39 20.33 -4.79
CA ALA G 204 4.60 21.72 -4.40
C ALA G 204 4.77 21.87 -2.88
N MET G 205 5.51 20.96 -2.25
CA MET G 205 5.72 20.98 -0.81
C MET G 205 4.42 21.35 -0.11
N GLN G 206 3.31 20.73 -0.54
CA GLN G 206 2.01 21.07 0.04
C GLN G 206 1.44 20.13 1.09
N ILE G 207 0.70 20.70 2.03
CA ILE G 207 0.04 19.91 3.05
C ILE G 207 -1.17 19.37 2.30
N GLN G 208 -1.51 18.10 2.57
CA GLN G 208 -2.65 17.49 1.91
C GLN G 208 -3.63 16.77 2.83
N PHE G 209 -4.90 17.06 2.61
CA PHE G 209 -5.95 16.42 3.38
C PHE G 209 -7.34 16.79 2.82
N HIS G 210 -8.33 15.97 3.14
CA HIS G 210 -9.70 16.22 2.70
C HIS G 210 -10.39 16.98 3.83
N VAL G 211 -10.86 18.19 3.54
CA VAL G 211 -11.55 19.01 4.54
C VAL G 211 -12.43 18.14 5.44
N ARG G 212 -13.32 17.36 4.81
CA ARG G 212 -14.23 16.48 5.52
C ARG G 212 -13.57 15.56 6.56
N ASP G 213 -12.31 15.18 6.35
CA ASP G 213 -11.62 14.28 7.27
C ASP G 213 -10.63 14.94 8.20
N LEU G 214 -10.46 16.24 8.11
CA LEU G 214 -9.50 16.86 8.99
C LEU G 214 -10.00 16.84 10.43
N ASP G 215 -9.13 16.46 11.36
CA ASP G 215 -9.46 16.41 12.79
C ASP G 215 -9.52 17.83 13.34
N GLN G 216 -10.21 18.01 14.48
CA GLN G 216 -10.38 19.33 15.07
C GLN G 216 -10.34 19.31 16.60
N GLY G 217 -9.57 18.38 17.15
CA GLY G 217 -9.47 18.28 18.59
C GLY G 217 -8.05 18.51 19.08
N PHE G 218 -7.52 19.69 18.78
CA PHE G 218 -6.19 20.04 19.22
C PHE G 218 -6.23 20.74 20.57
N ASN G 219 -5.54 20.14 21.54
CA ASN G 219 -5.47 20.66 22.90
C ASN G 219 -4.24 21.53 23.05
N GLY G 220 -4.43 22.84 23.04
CA GLY G 220 -3.30 23.74 23.20
C GLY G 220 -3.57 25.14 22.68
N THR G 221 -2.64 26.06 22.97
CA THR G 221 -2.75 27.44 22.53
C THR G 221 -2.12 27.58 21.14
N ARG G 222 -2.46 28.66 20.44
CA ARG G 222 -1.92 28.89 19.10
C ARG G 222 -0.40 28.86 19.11
N GLU G 223 0.19 29.13 20.28
CA GLU G 223 1.64 29.11 20.44
C GLU G 223 2.10 27.67 20.40
N GLU G 224 1.51 26.85 21.27
CA GLU G 224 1.86 25.45 21.33
C GLU G 224 1.82 24.83 19.93
N TRP G 225 0.91 25.33 19.08
CA TRP G 225 0.78 24.83 17.72
C TRP G 225 2.04 25.08 16.90
N ALA G 226 2.34 26.36 16.68
CA ALA G 226 3.52 26.75 15.93
C ALA G 226 4.70 25.89 16.34
N LYS G 227 5.09 25.98 17.60
CA LYS G 227 6.21 25.21 18.14
C LYS G 227 6.15 23.77 17.63
N SER G 228 4.95 23.21 17.63
CA SER G 228 4.75 21.82 17.20
C SER G 228 4.94 21.60 15.72
N TYR G 229 4.31 22.46 14.91
CA TYR G 229 4.41 22.33 13.46
C TYR G 229 5.87 22.32 13.00
N LEU G 230 6.61 23.36 13.36
CA LEU G 230 8.01 23.49 12.99
C LEU G 230 8.74 22.20 13.33
N LYS G 231 8.42 21.65 14.49
CA LYS G 231 9.05 20.41 14.94
C LYS G 231 8.75 19.32 13.92
N HIS G 232 7.52 19.31 13.43
CA HIS G 232 7.06 18.32 12.47
C HIS G 232 7.61 18.60 11.08
N PHE G 233 7.68 19.88 10.72
CA PHE G 233 8.17 20.25 9.41
C PHE G 233 9.64 19.86 9.20
N VAL G 234 10.47 20.15 10.19
CA VAL G 234 11.90 19.83 10.13
C VAL G 234 12.14 18.32 10.06
N THR G 235 11.41 17.58 10.87
CA THR G 235 11.54 16.13 10.89
C THR G 235 11.32 15.53 9.50
N GLN G 236 10.20 15.89 8.88
CA GLN G 236 9.86 15.38 7.56
C GLN G 236 10.80 15.92 6.49
N ALA G 237 11.34 17.11 6.71
CA ALA G 237 12.25 17.67 5.74
C ALA G 237 13.51 16.80 5.70
N GLU G 238 14.00 16.41 6.89
CA GLU G 238 15.19 15.58 6.99
C GLU G 238 14.93 14.21 6.40
N GLN G 239 13.77 13.66 6.73
CA GLN G 239 13.39 12.36 6.22
C GLN G 239 13.32 12.42 4.70
N ARG G 240 12.81 13.52 4.16
CA ARG G 240 12.70 13.66 2.71
C ARG G 240 14.06 13.61 2.03
N ALA G 241 15.03 14.31 2.60
CA ALA G 241 16.38 14.33 2.04
C ALA G 241 16.94 12.91 1.95
N ILE G 242 16.53 12.05 2.87
CA ILE G 242 16.99 10.66 2.86
C ILE G 242 16.30 9.85 1.77
N SER G 243 14.97 9.92 1.73
CA SER G 243 14.16 9.21 0.74
C SER G 243 14.66 9.43 -0.68
N MET G 244 14.90 10.70 -1.02
CA MET G 244 15.36 11.06 -2.35
C MET G 244 16.53 10.21 -2.83
N ILE G 245 17.54 10.11 -1.98
CA ILE G 245 18.73 9.35 -2.34
C ILE G 245 18.36 7.90 -2.64
N ASP G 246 17.55 7.30 -1.76
CA ASP G 246 17.13 5.91 -1.93
C ASP G 246 16.14 5.63 -3.06
N LYS G 247 15.46 6.67 -3.55
CA LYS G 247 14.48 6.49 -4.62
C LYS G 247 14.81 7.16 -5.95
N PHE G 248 15.44 8.33 -5.89
CA PHE G 248 15.78 9.04 -7.11
C PHE G 248 17.27 8.93 -7.48
N VAL G 249 18.11 8.58 -6.51
CA VAL G 249 19.54 8.49 -6.76
C VAL G 249 20.09 7.07 -6.90
N LYS G 250 20.03 6.31 -5.81
CA LYS G 250 20.52 4.94 -5.82
C LYS G 250 20.01 4.13 -7.02
N PRO G 251 18.70 4.20 -7.32
CA PRO G 251 18.14 3.44 -8.46
C PRO G 251 18.87 3.59 -9.79
N PHE G 252 18.88 4.81 -10.33
CA PHE G 252 19.53 5.03 -11.62
C PHE G 252 21.06 5.18 -11.56
N LYS G 253 21.66 4.86 -10.41
CA LYS G 253 23.11 4.99 -10.26
C LYS G 253 23.84 3.90 -11.05
N LYS G 254 23.08 3.00 -11.66
CA LYS G 254 23.63 1.90 -12.43
C LYS G 254 23.75 2.23 -13.90
N TYR G 255 23.08 3.30 -14.34
CA TYR G 255 23.15 3.69 -15.74
C TYR G 255 24.24 4.72 -15.98
N ILE G 256 24.90 5.12 -14.89
CA ILE G 256 25.97 6.11 -14.97
C ILE G 256 27.34 5.46 -14.83
N SER H 1 9.18 13.38 -36.26
CA SER H 1 8.10 14.39 -36.09
C SER H 1 7.29 14.60 -37.36
N PHE H 2 5.98 14.47 -37.24
CA PHE H 2 5.07 14.64 -38.36
C PHE H 2 4.46 16.03 -38.34
N ILE H 3 4.66 16.74 -37.23
CA ILE H 3 4.12 18.09 -37.06
C ILE H 3 5.08 19.12 -37.63
N LYS H 4 6.37 18.90 -37.41
CA LYS H 4 7.40 19.82 -37.90
C LYS H 4 7.32 20.08 -39.39
N PRO H 5 7.12 19.03 -40.20
CA PRO H 5 7.02 19.21 -41.66
C PRO H 5 5.99 20.26 -42.07
N ILE H 6 4.85 20.30 -41.37
CA ILE H 6 3.79 21.24 -41.69
C ILE H 6 3.60 22.31 -40.64
N TYR H 7 4.62 22.57 -39.84
CA TYR H 7 4.53 23.59 -38.79
C TYR H 7 4.23 24.99 -39.35
N GLN H 8 4.86 25.33 -40.46
CA GLN H 8 4.66 26.63 -41.08
C GLN H 8 3.18 26.92 -41.25
N ASP H 9 2.42 25.90 -41.63
CA ASP H 9 0.98 26.01 -41.84
C ASP H 9 0.23 26.23 -40.55
N ILE H 10 0.48 25.36 -39.58
CA ILE H 10 -0.21 25.45 -38.31
C ILE H 10 0.11 26.74 -37.57
N ASN H 11 1.36 27.19 -37.65
CA ASN H 11 1.77 28.42 -36.96
C ASN H 11 1.02 29.64 -37.47
N SER H 12 0.85 29.70 -38.78
CA SER H 12 0.16 30.81 -39.40
C SER H 12 -1.35 30.71 -39.19
N ILE H 13 -1.86 29.48 -39.21
CA ILE H 13 -3.30 29.24 -39.02
C ILE H 13 -3.77 29.63 -37.63
N LEU H 14 -2.92 29.41 -36.64
CA LEU H 14 -3.26 29.74 -35.26
C LEU H 14 -3.48 31.22 -35.00
N ILE H 15 -2.57 32.07 -35.49
CA ILE H 15 -2.70 33.51 -35.28
C ILE H 15 -4.13 34.01 -35.58
N GLY H 16 -4.93 34.15 -34.53
CA GLY H 16 -6.32 34.61 -34.64
C GLY H 16 -7.02 34.60 -33.27
N GLN H 17 -8.21 35.18 -33.22
CA GLN H 17 -8.99 35.23 -31.98
C GLN H 17 -9.51 33.86 -31.57
N LYS H 18 -10.08 33.79 -30.37
CA LYS H 18 -10.63 32.55 -29.83
C LYS H 18 -11.38 32.77 -28.51
N GLY H 33 -5.47 29.56 -22.45
CA GLY H 33 -6.32 28.50 -21.90
C GLY H 33 -6.33 27.27 -22.81
N GLU H 34 -6.95 26.19 -22.34
CA GLU H 34 -7.02 24.95 -23.12
C GLU H 34 -7.74 25.19 -24.43
N PRO H 35 -8.40 26.33 -24.52
CA PRO H 35 -9.14 26.69 -25.72
C PRO H 35 -8.27 26.56 -26.95
N PHE H 36 -7.04 27.07 -26.87
CA PHE H 36 -6.15 27.00 -28.03
C PHE H 36 -5.63 25.59 -28.21
N GLU H 37 -5.58 24.82 -27.13
CA GLU H 37 -5.10 23.44 -27.21
C GLU H 37 -6.02 22.64 -28.12
N LYS H 38 -7.32 22.89 -28.01
CA LYS H 38 -8.29 22.19 -28.84
C LYS H 38 -8.13 22.64 -30.31
N LEU H 39 -7.83 23.91 -30.52
CA LEU H 39 -7.65 24.42 -31.88
C LEU H 39 -6.56 23.63 -32.57
N VAL H 40 -5.46 23.40 -31.85
CA VAL H 40 -4.37 22.63 -32.42
C VAL H 40 -4.88 21.28 -32.89
N TYR H 41 -5.61 20.60 -32.02
CA TYR H 41 -6.18 19.28 -32.32
C TYR H 41 -7.10 19.31 -33.54
N LYS H 42 -7.90 20.38 -33.65
CA LYS H 42 -8.82 20.54 -34.76
C LYS H 42 -8.05 20.54 -36.09
N PHE H 43 -6.97 21.32 -36.13
CA PHE H 43 -6.12 21.45 -37.32
C PHE H 43 -5.49 20.11 -37.70
N LEU H 44 -4.66 19.57 -36.81
CA LEU H 44 -4.02 18.29 -37.08
C LEU H 44 -5.05 17.24 -37.41
N LYS H 45 -6.27 17.39 -36.87
CA LYS H 45 -7.31 16.43 -37.12
C LYS H 45 -7.82 16.48 -38.57
N GLU H 46 -7.59 17.61 -39.25
CA GLU H 46 -8.02 17.78 -40.63
C GLU H 46 -6.94 17.38 -41.63
N ASN H 47 -5.73 17.90 -41.47
CA ASN H 47 -4.62 17.59 -42.36
C ASN H 47 -4.02 16.21 -42.16
N LEU H 48 -3.97 15.77 -40.91
CA LEU H 48 -3.43 14.45 -40.59
C LEU H 48 -4.52 13.61 -39.90
N SER H 49 -5.69 13.50 -40.54
CA SER H 49 -6.81 12.74 -39.99
C SER H 49 -6.59 11.24 -40.01
N ASP H 50 -5.36 10.81 -39.72
CA ASP H 50 -5.00 9.41 -39.71
C ASP H 50 -3.90 9.13 -38.68
N LEU H 51 -3.11 10.14 -38.37
CA LEU H 51 -2.04 9.97 -37.40
C LEU H 51 -2.34 10.68 -36.08
N THR H 52 -3.39 11.51 -36.08
CA THR H 52 -3.79 12.26 -34.90
C THR H 52 -4.70 11.51 -33.94
N PHE H 53 -4.35 11.53 -32.66
CA PHE H 53 -5.13 10.84 -31.64
C PHE H 53 -4.95 11.53 -30.29
N LYS H 54 -5.95 11.42 -29.42
CA LYS H 54 -5.81 11.95 -28.06
C LYS H 54 -5.25 10.71 -27.35
N GLN H 55 -4.52 10.87 -26.25
CA GLN H 55 -3.96 9.68 -25.61
C GLN H 55 -5.02 8.62 -25.39
N TYR H 56 -6.09 8.98 -24.69
CA TYR H 56 -7.13 8.00 -24.41
C TYR H 56 -7.76 7.50 -25.69
N GLU H 57 -7.84 8.39 -26.68
CA GLU H 57 -8.40 8.05 -27.99
C GLU H 57 -7.58 6.91 -28.61
N TYR H 58 -6.26 7.06 -28.59
CA TYR H 58 -5.40 6.01 -29.13
C TYR H 58 -5.60 4.73 -28.35
N LEU H 59 -5.80 4.87 -27.04
CA LEU H 59 -5.98 3.69 -26.20
C LEU H 59 -7.25 2.94 -26.58
N ASN H 60 -8.33 3.67 -26.82
CA ASN H 60 -9.58 3.00 -27.20
C ASN H 60 -9.42 2.30 -28.54
N ASP H 61 -8.68 2.91 -29.45
CA ASP H 61 -8.46 2.33 -30.76
C ASP H 61 -7.63 1.06 -30.62
N LEU H 62 -6.62 1.10 -29.76
CA LEU H 62 -5.76 -0.05 -29.55
C LEU H 62 -6.53 -1.27 -29.00
N PHE H 63 -7.33 -1.05 -27.96
CA PHE H 63 -8.08 -2.17 -27.38
C PHE H 63 -9.26 -2.64 -28.29
N MET H 64 -9.78 -1.73 -29.12
CA MET H 64 -10.86 -2.04 -30.04
C MET H 64 -10.38 -2.93 -31.19
N LYS H 65 -9.15 -2.70 -31.66
CA LYS H 65 -8.60 -3.50 -32.76
C LYS H 65 -8.23 -4.93 -32.30
N ASN H 66 -8.23 -5.15 -30.99
CA ASN H 66 -7.90 -6.45 -30.42
C ASN H 66 -9.01 -6.92 -29.49
N PRO H 67 -10.23 -7.10 -30.02
CA PRO H 67 -11.38 -7.55 -29.24
C PRO H 67 -11.20 -8.84 -28.43
N ALA H 68 -10.51 -9.82 -29.00
CA ALA H 68 -10.29 -11.08 -28.30
C ALA H 68 -9.33 -11.01 -27.11
N ILE H 69 -8.70 -9.85 -26.91
CA ILE H 69 -7.75 -9.63 -25.81
C ILE H 69 -8.44 -9.10 -24.55
N ILE H 70 -8.53 -9.95 -23.54
CA ILE H 70 -9.17 -9.63 -22.27
C ILE H 70 -8.19 -9.66 -21.09
N GLY H 71 -8.49 -8.89 -20.04
CA GLY H 71 -7.63 -8.85 -18.87
C GLY H 71 -6.53 -7.82 -19.00
N HIS H 72 -6.16 -7.18 -17.90
CA HIS H 72 -5.12 -6.15 -17.95
C HIS H 72 -3.76 -6.69 -18.38
N GLU H 73 -3.45 -7.91 -17.96
CA GLU H 73 -2.16 -8.49 -18.32
C GLU H 73 -2.09 -8.71 -19.83
N ALA H 74 -3.19 -9.18 -20.42
CA ALA H 74 -3.22 -9.45 -21.85
C ALA H 74 -3.19 -8.18 -22.69
N ARG H 75 -3.94 -7.17 -22.26
CA ARG H 75 -4.00 -5.91 -22.98
C ARG H 75 -2.71 -5.12 -22.84
N TYR H 76 -2.05 -5.25 -21.70
CA TYR H 76 -0.80 -4.51 -21.54
C TYR H 76 0.16 -4.95 -22.62
N LYS H 77 0.16 -6.25 -22.93
CA LYS H 77 1.05 -6.78 -23.96
C LYS H 77 0.82 -6.12 -25.31
N LEU H 78 -0.33 -5.49 -25.50
CA LEU H 78 -0.62 -4.83 -26.77
C LEU H 78 0.39 -3.72 -27.03
N PHE H 79 1.03 -3.25 -25.96
CA PHE H 79 2.07 -2.23 -26.07
C PHE H 79 3.38 -3.03 -26.19
N ASN H 80 3.79 -3.32 -27.42
CA ASN H 80 5.02 -4.07 -27.61
C ASN H 80 6.23 -3.26 -27.22
N SER H 81 6.09 -2.52 -26.14
CA SER H 81 7.15 -1.66 -25.66
C SER H 81 6.99 -1.29 -24.21
N PRO H 82 7.86 -1.83 -23.35
CA PRO H 82 7.84 -1.56 -21.92
C PRO H 82 7.93 -0.05 -21.63
N THR H 83 8.65 0.68 -22.50
CA THR H 83 8.81 2.13 -22.34
C THR H 83 7.53 2.88 -22.71
N LEU H 84 6.97 2.56 -23.87
CA LEU H 84 5.75 3.21 -24.34
C LEU H 84 4.57 2.89 -23.40
N LEU H 85 4.52 1.63 -22.95
CA LEU H 85 3.51 1.19 -22.02
C LEU H 85 3.56 2.16 -20.85
N PHE H 86 4.74 2.25 -20.24
CA PHE H 86 4.94 3.13 -19.09
C PHE H 86 4.40 4.53 -19.38
N LEU H 87 4.76 5.07 -20.54
CA LEU H 87 4.31 6.40 -20.95
C LEU H 87 2.83 6.56 -21.29
N LEU H 88 2.21 5.51 -21.83
CA LEU H 88 0.80 5.62 -22.25
C LEU H 88 -0.29 4.82 -21.50
N SER H 89 0.10 3.89 -20.65
CA SER H 89 -0.84 3.06 -19.86
C SER H 89 -1.92 3.85 -19.16
N ARG H 90 -2.75 3.13 -18.41
CA ARG H 90 -3.85 3.74 -17.68
C ARG H 90 -4.12 3.27 -16.24
N GLY H 91 -3.52 2.15 -15.86
CA GLY H 91 -3.74 1.61 -14.51
C GLY H 91 -4.28 0.21 -14.66
N LYS H 92 -3.98 -0.68 -13.72
CA LYS H 92 -4.47 -2.05 -13.82
C LYS H 92 -6.00 -2.21 -13.79
N ALA H 93 -6.65 -1.64 -12.77
CA ALA H 93 -8.12 -1.73 -12.68
C ALA H 93 -8.80 -1.08 -13.89
N ALA H 94 -8.34 0.12 -14.23
CA ALA H 94 -8.90 0.83 -15.36
C ALA H 94 -8.76 0.01 -16.65
N THR H 95 -7.60 -0.57 -16.89
CA THR H 95 -7.36 -1.37 -18.10
C THR H 95 -8.18 -2.67 -18.12
N GLU H 96 -8.49 -3.18 -16.93
CA GLU H 96 -9.24 -4.40 -16.77
C GLU H 96 -10.73 -4.17 -17.07
N ASN H 97 -11.30 -3.11 -16.50
CA ASN H 97 -12.73 -2.83 -16.72
C ASN H 97 -13.03 -2.13 -18.05
N TRP H 98 -12.01 -1.82 -18.81
CA TRP H 98 -12.26 -1.19 -20.10
C TRP H 98 -13.02 -2.17 -20.99
N SER H 99 -13.86 -1.64 -21.88
CA SER H 99 -14.64 -2.44 -22.84
C SER H 99 -15.05 -1.47 -23.94
N ILE H 100 -15.71 -1.99 -24.98
CA ILE H 100 -16.17 -1.11 -26.03
C ILE H 100 -17.39 -0.35 -25.54
N GLU H 101 -17.98 -0.80 -24.44
CA GLU H 101 -19.13 -0.11 -23.88
C GLU H 101 -18.68 0.70 -22.68
N ASN H 102 -17.38 0.67 -22.40
CA ASN H 102 -16.83 1.38 -21.25
C ASN H 102 -15.48 1.98 -21.64
N LEU H 103 -15.52 2.91 -22.57
CA LEU H 103 -14.34 3.58 -23.10
C LEU H 103 -13.61 4.57 -22.18
N PHE H 104 -12.32 4.66 -22.41
CA PHE H 104 -11.45 5.56 -21.68
C PHE H 104 -11.86 7.00 -21.95
N GLU H 105 -11.62 7.86 -20.97
CA GLU H 105 -11.92 9.27 -21.12
C GLU H 105 -10.65 10.06 -20.88
N GLU H 106 -10.73 11.38 -20.96
CA GLU H 106 -9.56 12.20 -20.72
C GLU H 106 -9.21 11.97 -19.27
N LYS H 107 -7.93 12.12 -18.93
CA LYS H 107 -7.46 12.00 -17.55
C LYS H 107 -6.32 13.02 -17.43
N GLN H 108 -6.41 13.97 -16.48
CA GLN H 108 -5.40 15.02 -16.33
C GLN H 108 -3.99 14.55 -16.05
N ASN H 109 -3.81 13.24 -16.11
CA ASN H 109 -2.53 12.63 -15.86
C ASN H 109 -1.81 12.30 -17.16
N ASP H 110 -2.59 12.04 -18.21
CA ASP H 110 -2.03 11.66 -19.51
C ASP H 110 -0.80 12.44 -19.93
N THR H 111 0.27 11.71 -20.20
CA THR H 111 1.53 12.28 -20.62
C THR H 111 1.39 13.31 -21.77
N ALA H 112 0.69 12.93 -22.84
CA ALA H 112 0.51 13.81 -24.00
C ALA H 112 -0.89 14.36 -24.23
N ASP H 113 -0.95 15.53 -24.88
CA ASP H 113 -2.21 16.19 -25.22
C ASP H 113 -2.68 15.57 -26.53
N ILE H 114 -1.71 15.30 -27.40
CA ILE H 114 -2.00 14.72 -28.71
C ILE H 114 -0.95 13.67 -29.02
N LEU H 115 -1.35 12.57 -29.63
CA LEU H 115 -0.41 11.52 -29.95
C LEU H 115 -0.40 11.32 -31.47
N LEU H 116 0.78 11.41 -32.10
CA LEU H 116 0.86 11.21 -33.55
C LEU H 116 1.70 9.98 -33.86
N VAL H 117 1.04 8.85 -34.07
CA VAL H 117 1.74 7.60 -34.35
C VAL H 117 1.65 7.27 -35.83
N LYS H 118 2.63 6.53 -36.34
CA LYS H 118 2.66 6.15 -37.75
C LYS H 118 3.89 5.32 -38.08
N ASP H 119 3.66 4.12 -38.61
CA ASP H 119 4.74 3.21 -38.99
C ASP H 119 5.66 2.87 -37.82
N GLN H 120 5.04 2.56 -36.68
CA GLN H 120 5.75 2.18 -35.46
C GLN H 120 6.40 3.36 -34.73
N PHE H 121 6.32 4.56 -35.29
CA PHE H 121 6.92 5.74 -34.68
C PHE H 121 5.87 6.62 -34.00
N TYR H 122 6.08 6.89 -32.72
CA TYR H 122 5.14 7.71 -31.96
C TYR H 122 5.71 9.09 -31.65
N GLU H 123 4.91 10.12 -31.85
CA GLU H 123 5.31 11.49 -31.51
C GLU H 123 4.33 12.04 -30.46
N LEU H 124 4.75 12.00 -29.20
CA LEU H 124 3.97 12.50 -28.06
C LEU H 124 4.08 14.02 -28.01
N LEU H 125 3.04 14.71 -28.44
CA LEU H 125 3.02 16.16 -28.47
C LEU H 125 2.32 16.75 -27.26
N ASP H 126 2.94 17.74 -26.62
CA ASP H 126 2.34 18.36 -25.43
C ASP H 126 2.30 19.85 -25.69
N VAL H 127 1.09 20.42 -25.65
CA VAL H 127 0.88 21.83 -25.91
C VAL H 127 0.91 22.71 -24.67
N LYS H 128 1.57 23.87 -24.78
CA LYS H 128 1.71 24.82 -23.69
C LYS H 128 1.20 26.21 -24.08
N THR H 129 0.22 26.73 -23.33
CA THR H 129 -0.33 28.06 -23.62
C THR H 129 0.33 29.11 -22.73
N ARG H 130 0.76 30.22 -23.33
CA ARG H 130 1.43 31.27 -22.58
C ARG H 130 0.70 32.59 -22.62
N ASN H 131 0.72 33.28 -21.49
CA ASN H 131 0.07 34.58 -21.39
C ASN H 131 1.11 35.67 -21.60
N ILE H 132 1.27 36.10 -22.84
CA ILE H 132 2.24 37.14 -23.19
C ILE H 132 1.99 38.49 -22.50
N SER H 133 0.75 38.71 -22.06
CA SER H 133 0.40 39.96 -21.39
C SER H 133 1.29 40.25 -20.19
N LYS H 134 2.14 39.29 -19.82
CA LYS H 134 3.05 39.48 -18.68
C LYS H 134 4.17 38.45 -18.67
N SER H 135 5.32 38.83 -18.10
CA SER H 135 6.46 37.91 -18.03
C SER H 135 6.29 36.96 -16.85
N ALA H 136 6.11 35.68 -17.18
CA ALA H 136 5.92 34.66 -16.18
C ALA H 136 7.03 33.62 -16.23
N GLN H 137 7.17 32.89 -15.13
CA GLN H 137 8.16 31.84 -15.01
C GLN H 137 7.89 30.76 -16.05
N ALA H 138 8.86 29.88 -16.27
CA ALA H 138 8.69 28.78 -17.22
C ALA H 138 7.65 27.78 -16.69
N PRO H 139 6.73 27.30 -17.55
CA PRO H 139 5.68 26.34 -17.16
C PRO H 139 6.20 24.91 -16.94
N ASN H 140 5.32 24.02 -16.53
CA ASN H 140 5.73 22.64 -16.35
C ASN H 140 5.77 21.97 -17.71
N ILE H 141 6.80 21.15 -17.92
CA ILE H 141 6.99 20.41 -19.17
C ILE H 141 6.64 18.94 -18.92
N ILE H 142 7.41 18.28 -18.07
CA ILE H 142 7.16 16.89 -17.69
C ILE H 142 7.88 16.61 -16.39
N SER H 143 7.56 15.48 -15.78
CA SER H 143 8.21 15.08 -14.53
C SER H 143 9.62 14.61 -14.82
N ALA H 144 10.58 15.19 -14.08
CA ALA H 144 11.97 14.80 -14.22
C ALA H 144 12.07 13.32 -13.91
N TYR H 145 11.30 12.88 -12.93
CA TYR H 145 11.28 11.48 -12.52
C TYR H 145 10.68 10.55 -13.57
N LYS H 146 9.63 11.00 -14.26
CA LYS H 146 9.02 10.19 -15.30
C LYS H 146 10.03 10.02 -16.43
N LEU H 147 10.69 11.13 -16.81
CA LEU H 147 11.69 11.15 -17.88
C LEU H 147 12.89 10.27 -17.49
N ALA H 148 13.28 10.33 -16.21
CA ALA H 148 14.39 9.53 -15.73
C ALA H 148 14.03 8.05 -15.93
N GLN H 149 12.85 7.66 -15.46
CA GLN H 149 12.38 6.28 -15.58
C GLN H 149 12.24 5.92 -17.06
N THR H 150 11.86 6.90 -17.87
CA THR H 150 11.67 6.68 -19.31
C THR H 150 13.00 6.39 -19.98
N CYS H 151 14.01 7.20 -19.65
CA CYS H 151 15.35 7.04 -20.21
C CYS H 151 15.92 5.68 -19.84
N ALA H 152 15.80 5.32 -18.57
CA ALA H 152 16.28 4.02 -18.08
C ALA H 152 15.60 2.88 -18.83
N LYS H 153 14.27 2.97 -18.99
CA LYS H 153 13.54 1.93 -19.70
C LYS H 153 13.98 1.85 -21.15
N MET H 154 14.56 2.94 -21.65
CA MET H 154 15.01 2.94 -23.03
C MET H 154 16.29 2.13 -23.15
N ILE H 155 17.18 2.32 -22.18
CA ILE H 155 18.45 1.62 -22.15
C ILE H 155 18.21 0.12 -21.96
N ASP H 156 17.63 -0.25 -20.83
CA ASP H 156 17.38 -1.65 -20.55
C ASP H 156 16.81 -2.42 -21.73
N ASN H 157 15.79 -1.86 -22.38
CA ASN H 157 15.14 -2.51 -23.52
C ASN H 157 15.76 -2.12 -24.84
N LYS H 158 16.77 -1.26 -24.76
CA LYS H 158 17.47 -0.78 -25.95
C LYS H 158 16.48 -0.21 -26.96
N GLU H 159 15.55 0.62 -26.46
CA GLU H 159 14.53 1.25 -27.30
C GLU H 159 14.88 2.68 -27.64
N PHE H 160 15.25 2.90 -28.89
CA PHE H 160 15.58 4.23 -29.35
C PHE H 160 14.86 4.40 -30.69
N ASP H 161 14.90 5.60 -31.25
CA ASP H 161 14.23 5.83 -32.52
C ASP H 161 12.84 5.17 -32.52
N LEU H 162 12.11 5.25 -31.41
CA LEU H 162 10.77 4.66 -31.34
C LEU H 162 9.74 5.76 -31.18
N PHE H 163 10.01 6.71 -30.28
CA PHE H 163 9.11 7.83 -30.04
C PHE H 163 9.87 9.13 -29.80
N ASP H 164 9.14 10.23 -29.93
CA ASP H 164 9.67 11.57 -29.72
C ASP H 164 8.70 12.39 -28.89
N ILE H 165 9.21 13.21 -27.99
CA ILE H 165 8.37 14.06 -27.17
C ILE H 165 8.64 15.49 -27.61
N ASN H 166 7.65 16.15 -28.20
CA ASN H 166 7.84 17.52 -28.67
C ASN H 166 6.80 18.49 -28.09
N TYR H 167 7.11 19.79 -28.17
CA TYR H 167 6.21 20.79 -27.62
C TYR H 167 5.81 21.92 -28.56
N LEU H 168 4.63 22.48 -28.34
CA LEU H 168 4.14 23.59 -29.15
C LEU H 168 3.62 24.69 -28.21
N GLU H 169 4.25 25.86 -28.27
CA GLU H 169 3.88 26.99 -27.44
C GLU H 169 2.91 27.91 -28.16
N VAL H 170 1.73 28.09 -27.57
CA VAL H 170 0.70 28.94 -28.14
C VAL H 170 0.56 30.21 -27.30
N ASP H 171 1.07 31.33 -27.80
CA ASP H 171 1.00 32.60 -27.06
C ASP H 171 -0.26 33.39 -27.40
N TRP H 172 -0.80 34.09 -26.40
CA TRP H 172 -2.02 34.89 -26.59
C TRP H 172 -2.04 36.17 -25.76
N LEU H 179 -9.92 36.16 -26.19
CA LEU H 179 -8.55 35.65 -26.28
C LEU H 179 -8.08 35.46 -27.73
N VAL H 180 -6.89 35.97 -28.03
CA VAL H 180 -6.33 35.88 -29.38
C VAL H 180 -4.88 35.42 -29.40
N CYS H 181 -4.60 34.44 -30.24
CA CYS H 181 -3.25 33.92 -30.36
C CYS H 181 -2.38 34.91 -31.14
N VAL H 182 -1.21 35.24 -30.59
CA VAL H 182 -0.31 36.19 -31.24
C VAL H 182 0.95 35.54 -31.78
N SER H 183 1.33 34.40 -31.21
CA SER H 183 2.52 33.71 -31.67
C SER H 183 2.56 32.25 -31.23
N THR H 184 3.52 31.51 -31.76
CA THR H 184 3.69 30.09 -31.45
C THR H 184 5.15 29.68 -31.65
N SER H 185 5.47 28.45 -31.26
CA SER H 185 6.82 27.93 -31.42
C SER H 185 6.85 26.42 -31.19
N PHE H 186 7.80 25.77 -31.84
CA PHE H 186 7.95 24.34 -31.75
C PHE H 186 9.30 23.95 -31.13
N ALA H 187 9.44 22.70 -30.73
CA ALA H 187 10.69 22.21 -30.15
C ALA H 187 10.61 20.73 -29.81
N GLU H 188 11.76 20.07 -29.86
CA GLU H 188 11.86 18.66 -29.58
C GLU H 188 12.74 18.46 -28.35
N LEU H 189 12.19 17.83 -27.33
CA LEU H 189 12.94 17.57 -26.12
C LEU H 189 14.26 16.83 -26.39
N PHE H 190 14.18 15.70 -27.09
CA PHE H 190 15.36 14.89 -27.41
C PHE H 190 16.32 15.58 -28.36
N LYS H 191 16.10 16.86 -28.58
CA LYS H 191 16.98 17.61 -29.46
C LYS H 191 17.80 18.67 -28.73
N SER H 192 17.49 18.87 -27.45
CA SER H 192 18.20 19.82 -26.61
C SER H 192 19.24 19.08 -25.77
N GLU H 193 20.05 19.83 -25.02
CA GLU H 193 21.09 19.23 -24.17
C GLU H 193 20.51 18.77 -22.85
N PRO H 194 20.46 17.45 -22.64
CA PRO H 194 19.92 16.87 -21.41
C PRO H 194 20.55 17.38 -20.10
N SER H 195 21.72 18.02 -20.19
CA SER H 195 22.39 18.52 -18.99
C SER H 195 21.95 19.93 -18.62
N GLU H 196 21.36 20.62 -19.59
CA GLU H 196 20.90 21.99 -19.41
C GLU H 196 19.45 22.07 -18.94
N LEU H 197 18.76 20.94 -18.94
CA LEU H 197 17.37 20.88 -18.51
C LEU H 197 17.25 21.20 -17.03
N TYR H 198 16.47 22.22 -16.70
CA TYR H 198 16.30 22.60 -15.31
C TYR H 198 15.19 21.76 -14.68
N ILE H 199 15.52 21.15 -13.55
CA ILE H 199 14.59 20.33 -12.80
C ILE H 199 14.12 21.06 -11.54
N ASN H 200 12.88 21.52 -11.56
CA ASN H 200 12.29 22.23 -10.42
C ASN H 200 11.57 21.22 -9.52
N TRP H 201 12.32 20.63 -8.59
CA TRP H 201 11.79 19.62 -7.68
C TRP H 201 10.47 19.96 -6.97
N ALA H 202 10.39 21.14 -6.36
CA ALA H 202 9.17 21.54 -5.66
C ALA H 202 7.97 21.63 -6.59
N ALA H 203 8.24 21.92 -7.86
CA ALA H 203 7.17 22.02 -8.85
C ALA H 203 6.90 20.67 -9.46
N ALA H 204 6.57 19.70 -8.60
CA ALA H 204 6.29 18.35 -9.06
C ALA H 204 7.47 17.71 -9.75
N MET H 205 8.67 18.10 -9.35
CA MET H 205 9.88 17.56 -9.94
C MET H 205 9.81 17.71 -11.45
N GLN H 206 9.22 18.80 -11.91
CA GLN H 206 9.07 19.02 -13.32
C GLN H 206 10.18 19.83 -13.95
N ILE H 207 10.56 19.47 -15.17
CA ILE H 207 11.58 20.24 -15.85
C ILE H 207 10.79 21.45 -16.37
N GLN H 208 11.43 22.62 -16.43
CA GLN H 208 10.72 23.81 -16.90
C GLN H 208 11.48 24.59 -17.96
N PHE H 209 10.73 25.16 -18.90
CA PHE H 209 11.30 25.97 -19.97
C PHE H 209 10.21 26.48 -20.89
N HIS H 210 10.47 27.62 -21.51
CA HIS H 210 9.54 28.20 -22.45
C HIS H 210 9.96 27.63 -23.79
N VAL H 211 9.04 26.94 -24.46
CA VAL H 211 9.31 26.31 -25.75
C VAL H 211 10.08 27.23 -26.70
N ARG H 212 9.66 28.50 -26.76
CA ARG H 212 10.28 29.49 -27.64
C ARG H 212 11.68 29.94 -27.22
N ASP H 213 12.32 29.19 -26.32
CA ASP H 213 13.66 29.54 -25.85
C ASP H 213 14.53 28.32 -25.57
N LEU H 214 14.06 27.14 -25.93
CA LEU H 214 14.82 25.91 -25.70
C LEU H 214 15.84 25.72 -26.81
N ASP H 215 17.03 25.26 -26.44
CA ASP H 215 18.08 25.03 -27.40
C ASP H 215 17.78 23.77 -28.22
N GLN H 216 18.33 23.67 -29.43
CA GLN H 216 18.08 22.54 -30.32
C GLN H 216 19.34 22.00 -30.98
N GLY H 217 20.46 22.08 -30.30
CA GLY H 217 21.69 21.59 -30.87
C GLY H 217 22.34 20.48 -30.08
N PHE H 218 22.01 19.24 -30.42
CA PHE H 218 22.57 18.08 -29.75
C PHE H 218 23.03 17.12 -30.84
N ASN H 219 24.33 17.09 -31.08
CA ASN H 219 24.90 16.22 -32.12
C ASN H 219 25.31 14.90 -31.50
N GLY H 220 24.34 14.07 -31.16
CA GLY H 220 24.64 12.78 -30.55
C GLY H 220 23.57 11.73 -30.78
N THR H 221 23.61 10.66 -30.00
CA THR H 221 22.63 9.59 -30.13
C THR H 221 21.60 9.60 -29.01
N ARG H 222 20.41 9.09 -29.31
CA ARG H 222 19.33 9.03 -28.34
C ARG H 222 19.82 8.26 -27.11
N GLU H 223 20.62 7.23 -27.35
CA GLU H 223 21.17 6.43 -26.27
C GLU H 223 22.04 7.33 -25.39
N GLU H 224 22.78 8.25 -26.02
CA GLU H 224 23.64 9.15 -25.25
C GLU H 224 22.79 10.18 -24.51
N TRP H 225 21.78 10.70 -25.18
CA TRP H 225 20.88 11.68 -24.56
C TRP H 225 20.30 11.10 -23.29
N ALA H 226 19.86 9.84 -23.35
CA ALA H 226 19.26 9.17 -22.20
C ALA H 226 20.26 9.04 -21.06
N LYS H 227 21.45 8.55 -21.39
CA LYS H 227 22.52 8.36 -20.43
C LYS H 227 22.90 9.71 -19.82
N SER H 228 22.96 10.75 -20.64
CA SER H 228 23.33 12.07 -20.13
C SER H 228 22.29 12.60 -19.15
N TYR H 229 21.03 12.54 -19.54
CA TYR H 229 19.98 13.03 -18.68
C TYR H 229 19.99 12.36 -17.30
N LEU H 230 20.15 11.03 -17.27
CA LEU H 230 20.17 10.31 -16.00
C LEU H 230 21.32 10.81 -15.14
N LYS H 231 22.46 11.07 -15.77
CA LYS H 231 23.59 11.57 -15.02
C LYS H 231 23.21 12.93 -14.44
N HIS H 232 22.52 13.75 -15.23
CA HIS H 232 22.11 15.07 -14.77
C HIS H 232 21.02 14.96 -13.71
N PHE H 233 20.14 13.97 -13.87
CA PHE H 233 19.04 13.75 -12.95
C PHE H 233 19.52 13.36 -11.55
N VAL H 234 20.32 12.30 -11.46
CA VAL H 234 20.83 11.82 -10.19
C VAL H 234 21.59 12.90 -9.44
N THR H 235 22.47 13.60 -10.17
CA THR H 235 23.25 14.67 -9.58
C THR H 235 22.35 15.69 -8.89
N GLN H 236 21.42 16.26 -9.65
CA GLN H 236 20.49 17.24 -9.12
C GLN H 236 19.66 16.68 -7.97
N ALA H 237 19.48 15.37 -7.95
CA ALA H 237 18.75 14.73 -6.89
C ALA H 237 19.58 14.82 -5.63
N GLU H 238 20.89 14.59 -5.76
CA GLU H 238 21.81 14.67 -4.62
C GLU H 238 21.92 16.11 -4.15
N GLN H 239 22.04 17.02 -5.12
CA GLN H 239 22.17 18.45 -4.80
C GLN H 239 20.94 18.91 -4.02
N ARG H 240 19.76 18.52 -4.50
CA ARG H 240 18.50 18.88 -3.86
C ARG H 240 18.44 18.29 -2.45
N ALA H 241 18.82 17.03 -2.33
CA ALA H 241 18.83 16.34 -1.03
C ALA H 241 19.68 17.14 -0.06
N ILE H 242 20.83 17.60 -0.54
CA ILE H 242 21.73 18.40 0.27
C ILE H 242 21.12 19.77 0.56
N SER H 243 20.67 20.45 -0.48
CA SER H 243 20.08 21.77 -0.34
C SER H 243 18.84 21.74 0.54
N MET H 244 18.24 20.56 0.64
CA MET H 244 17.04 20.36 1.43
C MET H 244 17.27 20.79 2.89
N ILE H 245 18.42 20.40 3.43
CA ILE H 245 18.80 20.68 4.82
C ILE H 245 19.09 22.14 5.13
N ASP H 246 19.82 22.80 4.24
CA ASP H 246 20.19 24.19 4.44
C ASP H 246 19.00 25.14 4.35
N LYS H 247 18.00 24.78 3.56
CA LYS H 247 16.86 25.67 3.41
C LYS H 247 15.65 25.39 4.30
N PHE H 248 15.37 24.12 4.57
CA PHE H 248 14.21 23.76 5.39
C PHE H 248 14.51 23.22 6.81
N VAL H 249 15.75 22.82 7.05
CA VAL H 249 16.15 22.29 8.36
C VAL H 249 16.87 23.32 9.22
N LYS H 250 18.14 23.55 8.92
CA LYS H 250 18.97 24.50 9.66
C LYS H 250 18.27 25.80 10.08
N PRO H 251 17.62 26.48 9.13
CA PRO H 251 16.94 27.74 9.45
C PRO H 251 15.87 27.70 10.53
N PHE H 252 15.26 26.54 10.74
CA PHE H 252 14.21 26.46 11.73
C PHE H 252 14.58 25.65 12.98
N LYS H 253 15.60 24.82 12.86
CA LYS H 253 16.04 23.98 13.98
C LYS H 253 16.14 24.75 15.30
N LYS H 254 16.27 26.07 15.21
CA LYS H 254 16.36 26.93 16.38
C LYS H 254 15.03 26.97 17.16
N TYR H 255 13.96 26.57 16.50
CA TYR H 255 12.65 26.58 17.11
C TYR H 255 12.35 25.29 17.89
N ILE H 256 13.30 24.36 17.87
CA ILE H 256 13.13 23.10 18.58
C ILE H 256 14.30 22.81 19.52
#